data_8Q3X
#
_entry.id   8Q3X
#
_cell.length_a   108.105
_cell.length_b   109.609
_cell.length_c   183.767
_cell.angle_alpha   90.000
_cell.angle_beta   90.000
_cell.angle_gamma   90.000
#
_symmetry.space_group_name_H-M   'P 21 21 21'
#
loop_
_entity.id
_entity.type
_entity.pdbx_description
1 polymer 'Histone H3.1'
2 polymer 'Histone H4'
3 polymer 'Histone H2A type 1-B/E'
4 polymer 'Histone H2B type 1-K'
5 polymer 'DNA (145-MER)'
6 polymer 'DNA (145-MER)'
7 polymer 'LANA peptide'
8 non-polymer 'GOLD ION'
9 non-polymer '4-diphenylphosphanylbenzoic acid'
10 non-polymer 'MAGNESIUM ION'
#
loop_
_entity_poly.entity_id
_entity_poly.type
_entity_poly.pdbx_seq_one_letter_code
_entity_poly.pdbx_strand_id
1 'polypeptide(L)'
;PHRYRPGTVALREIRRYQKSTELLIRKLPFQRLVREIAQDFKTDLRFQSSAVMALQEACEAYLVGLFEDTNLCAIHAKRV
TIMPKDIQLARRIRGERA
;
AAA,EEE
2 'polypeptide(L)'
;KRHRKVLRDNIQGITKPAIRRLARRGGVKRISGLIYEETRGVLKVFLENVIRDAVTYTEHAKRKTVTAMDVVYALKRQGR
TLYGFGG
;
BBB,FFF
3 'polypeptide(L)'
;KAKTRSSRAGLQFPVGRVHRLLRKGNYSERVGAGAPVYLAAVLEYLTAEILELAGNAARDNKKTRIIPRHLQLAIRNDEE
LNKLLGRVTIAQGGVLPNIQAVLLPKK
;
CCC,GGG
4 'polypeptide(L)'
;RSRKESYSVYVYKVLKQVHPDTGISSKAMGIMNSFVNDIFERIAGEASRLAHYNKRSTITSREIQTAVRLLLPGELAKHA
VSEGTKAVTKYTSAK
;
DDD,HHH
5 'polydeoxyribonucleotide'
;(DA)(DT)(DC)(DA)(DA)(DT)(DA)(DT)(DC)(DC)(DA)(DC)(DC)(DT)(DG)(DC)(DA)(DG)(DA)(DT)
(DA)(DC)(DT)(DA)(DC)(DC)(DA)(DA)(DA)(DA)(DG)(DT)(DG)(DT)(DA)(DT)(DT)(DT)(DG)(DG)
(DA)(DA)(DA)(DC)(DT)(DG)(DC)(DT)(DC)(DC)(DA)(DT)(DC)(DA)(DA)(DA)(DA)(DG)(DG)(DC)
(DA)(DT)(DG)(DT)(DT)(DC)(DA)(DG)(DC)(DT)(DG)(DA)(DA)(DT)(DC)(DA)(DG)(DC)(DT)(DG)
(DA)(DA)(DC)(DA)(DT)(DG)(DC)(DC)(DT)(DT)(DT)(DT)(DG)(DA)(DT)(DG)(DG)(DA)(DG)(DC)
(DA)(DG)(DT)(DT)(DT)(DC)(DC)(DA)(DA)(DA)(DT)(DA)(DC)(DA)(DC)(DT)(DT)(DT)(DT)(DG)
(DG)(DT)(DA)(DG)(DT)(DA)(DT)(DC)(DT)(DG)(DC)(DA)(DG)(DG)(DT)(DG)(DG)(DA)(DT)(DA)
(DT)(DT)(DG)(DA)(DT)
;
III
6 'polydeoxyribonucleotide'
;(DA)(DT)(DC)(DA)(DA)(DT)(DA)(DT)(DC)(DC)(DA)(DC)(DC)(DT)(DG)(DC)(DA)(DG)(DA)(DT)
(DA)(DC)(DT)(DA)(DC)(DC)(DA)(DA)(DA)(DA)(DG)(DT)(DG)(DT)(DA)(DT)(DT)(DT)(DG)(DG)
(DA)(DA)(DA)(DC)(DT)(DG)(DC)(DT)(DC)(DC)(DA)(DT)(DC)(DA)(DA)(DA)(DA)(DG)(DG)(DC)
(DA)(DT)(DG)(DT)(DT)(DC)(DA)(DG)(DC)(DT)(DG)(DA)(DT)(DT)(DC)(DA)(DG)(DC)(DT)(DG)
(DA)(DA)(DC)(DA)(DT)(DG)(DC)(DC)(DT)(DT)(DT)(DT)(DG)(DA)(DT)(DG)(DG)(DA)(DG)(DC)
(DA)(DG)(DT)(DT)(DT)(DC)(DC)(DA)(DA)(DA)(DT)(DA)(DC)(DA)(DC)(DT)(DT)(DT)(DT)(DG)
(DG)(DT)(DA)(DG)(DT)(DA)(DT)(DC)(DT)(DG)(DC)(DA)(DG)(DG)(DT)(DG)(DG)(DA)(DT)(DA)
(DT)(DT)(DG)(DA)(DT)
;
JJJ
7 'polypeptide(L)' PG(ORN)RLRSGRSTGAP MMM
#
# COMPACT_ATOMS: atom_id res chain seq x y z
N PRO A 1 -45.45 22.13 24.16
CA PRO A 1 -44.44 22.30 23.10
C PRO A 1 -43.02 21.95 23.59
N HIS A 2 -42.51 20.77 23.18
CA HIS A 2 -41.22 20.18 23.65
C HIS A 2 -40.25 20.02 22.47
N ARG A 3 -39.03 20.51 22.64
CA ARG A 3 -38.00 20.70 21.59
C ARG A 3 -36.68 20.12 22.12
N TYR A 4 -35.97 19.29 21.35
CA TYR A 4 -34.66 18.72 21.74
C TYR A 4 -33.55 19.77 21.52
N ARG A 5 -32.62 19.88 22.45
CA ARG A 5 -31.51 20.88 22.42
C ARG A 5 -30.46 20.51 21.35
N PRO A 6 -29.75 21.50 20.77
CA PRO A 6 -28.79 21.24 19.70
C PRO A 6 -27.79 20.16 20.12
N GLY A 7 -27.59 19.14 19.29
CA GLY A 7 -26.58 18.10 19.52
C GLY A 7 -27.16 16.82 20.11
N THR A 8 -28.38 16.88 20.64
CA THR A 8 -29.02 15.74 21.32
C THR A 8 -29.55 14.76 20.29
N VAL A 9 -30.11 15.26 19.20
CA VAL A 9 -30.56 14.43 18.04
C VAL A 9 -29.32 13.97 17.25
N ALA A 10 -28.31 14.84 17.08
CA ALA A 10 -27.00 14.51 16.44
C ALA A 10 -26.43 13.24 17.09
N LEU A 11 -26.22 13.24 18.40
CA LEU A 11 -25.80 12.05 19.20
C LEU A 11 -26.71 10.86 18.91
N ARG A 12 -28.02 11.08 18.80
CA ARG A 12 -28.96 9.96 18.62
C ARG A 12 -28.75 9.39 17.23
N GLU A 13 -28.54 10.25 16.23
CA GLU A 13 -28.26 9.81 14.84
C GLU A 13 -26.92 9.04 14.84
N ILE A 14 -25.91 9.56 15.54
CA ILE A 14 -24.59 8.87 15.62
C ILE A 14 -24.80 7.45 16.14
N ARG A 15 -25.58 7.29 17.21
CA ARG A 15 -25.76 5.98 17.86
C ARG A 15 -26.51 5.09 16.89
N ARG A 16 -27.47 5.67 16.19
CA ARG A 16 -28.35 4.93 15.27
C ARG A 16 -27.55 4.47 14.04
N TYR A 17 -26.82 5.36 13.37
CA TYR A 17 -26.15 5.03 12.08
C TYR A 17 -24.89 4.17 12.33
N GLN A 18 -24.26 4.27 13.50
CA GLN A 18 -23.08 3.43 13.86
C GLN A 18 -23.54 2.00 14.21
N LYS A 19 -24.84 1.83 14.49
CA LYS A 19 -25.45 0.52 14.85
C LYS A 19 -25.81 -0.24 13.57
N SER A 20 -26.22 0.47 12.53
CA SER A 20 -26.70 -0.10 11.26
C SER A 20 -25.59 -0.13 10.20
N THR A 21 -25.88 -0.79 9.08
CA THR A 21 -24.97 -1.00 7.92
C THR A 21 -25.65 -0.65 6.58
N GLU A 22 -26.91 -0.19 6.58
CA GLU A 22 -27.62 0.17 5.31
C GLU A 22 -26.83 1.28 4.63
N LEU A 23 -26.72 1.22 3.31
CA LEU A 23 -26.23 2.35 2.49
C LEU A 23 -27.08 3.59 2.81
N LEU A 24 -26.41 4.74 2.93
CA LEU A 24 -27.00 6.01 3.43
C LEU A 24 -27.21 7.05 2.32
N ILE A 25 -26.79 6.78 1.08
CA ILE A 25 -27.13 7.57 -0.14
C ILE A 25 -28.21 6.82 -0.93
N ARG A 26 -29.16 7.55 -1.52
CA ARG A 26 -30.29 6.94 -2.28
C ARG A 26 -29.69 6.33 -3.56
N LYS A 27 -30.18 5.16 -3.99
CA LYS A 27 -29.52 4.32 -5.04
C LYS A 27 -29.54 5.05 -6.37
N LEU A 28 -30.69 5.57 -6.79
CA LEU A 28 -30.88 6.13 -8.16
C LEU A 28 -29.98 7.35 -8.39
N PRO A 29 -29.95 8.37 -7.49
CA PRO A 29 -29.05 9.51 -7.65
C PRO A 29 -27.60 9.07 -7.86
N PHE A 30 -27.20 8.01 -7.13
CA PHE A 30 -25.83 7.47 -7.13
C PHE A 30 -25.59 6.84 -8.50
N GLN A 31 -26.45 5.90 -8.87
CA GLN A 31 -26.44 5.24 -10.20
C GLN A 31 -26.26 6.32 -11.29
N ARG A 32 -27.09 7.37 -11.29
CA ARG A 32 -27.03 8.49 -12.27
C ARG A 32 -25.63 9.11 -12.25
N LEU A 33 -25.12 9.39 -11.06
CA LEU A 33 -23.78 10.04 -10.90
C LEU A 33 -22.69 9.12 -11.44
N VAL A 34 -22.76 7.82 -11.13
CA VAL A 34 -21.82 6.81 -11.68
C VAL A 34 -21.84 6.94 -13.20
N ARG A 35 -23.02 6.76 -13.80
CA ARG A 35 -23.17 6.69 -15.29
C ARG A 35 -22.65 7.97 -15.94
N GLU A 36 -22.96 9.14 -15.37
CA GLU A 36 -22.44 10.47 -15.83
C GLU A 36 -20.92 10.39 -15.92
N ILE A 37 -20.25 10.19 -14.77
CA ILE A 37 -18.76 10.22 -14.65
C ILE A 37 -18.17 9.25 -15.67
N ALA A 38 -18.80 8.07 -15.81
CA ALA A 38 -18.33 6.96 -16.66
C ALA A 38 -18.40 7.35 -18.14
N GLN A 39 -19.53 7.95 -18.58
CA GLN A 39 -19.76 8.48 -19.95
C GLN A 39 -18.52 9.21 -20.48
N ASP A 40 -17.82 9.99 -19.65
CA ASP A 40 -16.63 10.80 -20.05
C ASP A 40 -15.43 9.90 -20.39
N PHE A 41 -15.55 8.58 -20.28
CA PHE A 41 -14.41 7.63 -20.45
C PHE A 41 -14.73 6.65 -21.57
N LYS A 42 -15.97 6.17 -21.61
CA LYS A 42 -16.52 5.40 -22.74
C LYS A 42 -18.04 5.56 -22.75
N THR A 43 -18.61 5.83 -23.93
CA THR A 43 -20.06 6.07 -24.14
C THR A 43 -20.77 4.75 -24.44
N ASP A 44 -22.11 4.74 -24.36
CA ASP A 44 -22.95 3.54 -24.57
C ASP A 44 -22.48 2.43 -23.62
N LEU A 45 -22.30 2.76 -22.34
CA LEU A 45 -21.77 1.81 -21.34
C LEU A 45 -22.93 1.24 -20.54
N ARG A 46 -22.91 -0.07 -20.31
CA ARG A 46 -23.84 -0.73 -19.36
C ARG A 46 -23.04 -1.12 -18.12
N PHE A 47 -23.74 -1.29 -16.98
CA PHE A 47 -23.18 -1.60 -15.64
C PHE A 47 -23.95 -2.78 -15.06
N GLN A 48 -23.29 -3.82 -14.54
CA GLN A 48 -24.00 -4.89 -13.80
C GLN A 48 -24.67 -4.20 -12.59
N SER A 49 -25.79 -4.71 -12.11
CA SER A 49 -26.41 -4.27 -10.84
C SER A 49 -25.36 -4.28 -9.70
N SER A 50 -24.61 -5.39 -9.55
CA SER A 50 -23.61 -5.63 -8.49
C SER A 50 -22.42 -4.66 -8.65
N ALA A 51 -22.06 -4.27 -9.88
CA ALA A 51 -20.97 -3.31 -10.13
C ALA A 51 -21.29 -1.98 -9.45
N VAL A 52 -22.53 -1.53 -9.56
CA VAL A 52 -22.90 -0.20 -9.04
C VAL A 52 -22.90 -0.28 -7.51
N MET A 53 -23.47 -1.36 -6.98
CA MET A 53 -23.52 -1.63 -5.52
C MET A 53 -22.08 -1.68 -4.96
N ALA A 54 -21.17 -2.40 -5.61
CA ALA A 54 -19.72 -2.42 -5.26
C ALA A 54 -19.25 -0.97 -5.10
N LEU A 55 -19.48 -0.13 -6.12
CA LEU A 55 -19.03 1.29 -6.11
C LEU A 55 -19.64 2.01 -4.91
N GLN A 56 -20.94 1.85 -4.66
CA GLN A 56 -21.62 2.61 -3.57
C GLN A 56 -21.03 2.14 -2.24
N GLU A 57 -20.85 0.84 -2.07
CA GLU A 57 -20.29 0.26 -0.82
C GLU A 57 -18.92 0.90 -0.58
N ALA A 58 -18.06 0.89 -1.59
CA ALA A 58 -16.66 1.34 -1.48
C ALA A 58 -16.67 2.83 -1.16
N CYS A 59 -17.50 3.56 -1.88
CA CYS A 59 -17.53 5.03 -1.83
C CYS A 59 -18.08 5.50 -0.45
N GLU A 60 -19.15 4.90 0.04
CA GLU A 60 -19.68 5.20 1.40
C GLU A 60 -18.69 4.81 2.51
N ALA A 61 -18.05 3.65 2.41
CA ALA A 61 -17.03 3.23 3.42
C ALA A 61 -15.91 4.28 3.45
N TYR A 62 -15.47 4.74 2.27
CA TYR A 62 -14.37 5.71 2.11
C TYR A 62 -14.77 7.00 2.84
N LEU A 63 -15.99 7.49 2.59
CA LEU A 63 -16.43 8.82 3.07
C LEU A 63 -16.58 8.75 4.58
N VAL A 64 -17.12 7.64 5.08
CA VAL A 64 -17.29 7.41 6.55
C VAL A 64 -15.92 7.41 7.24
N GLY A 65 -14.93 6.70 6.68
CA GLY A 65 -13.54 6.74 7.15
C GLY A 65 -13.03 8.17 7.17
N LEU A 66 -13.28 8.90 6.09
CA LEU A 66 -12.75 10.28 5.91
C LEU A 66 -13.41 11.19 6.96
N PHE A 67 -14.71 11.04 7.23
CA PHE A 67 -15.36 11.84 8.27
C PHE A 67 -14.75 11.49 9.64
N GLU A 68 -14.38 10.24 9.89
CA GLU A 68 -13.74 9.91 11.19
C GLU A 68 -12.44 10.72 11.29
N ASP A 69 -11.60 10.68 10.26
CA ASP A 69 -10.28 11.35 10.27
C ASP A 69 -10.50 12.85 10.38
N THR A 70 -11.53 13.33 9.67
CA THR A 70 -11.93 14.76 9.63
C THR A 70 -12.32 15.20 11.04
N ASN A 71 -13.13 14.38 11.69
CA ASN A 71 -13.58 14.63 13.07
C ASN A 71 -12.36 14.79 13.97
N LEU A 72 -11.36 13.92 13.84
CA LEU A 72 -10.12 14.00 14.68
C LEU A 72 -9.38 15.32 14.41
N CYS A 73 -9.36 15.79 13.18
CA CYS A 73 -8.70 17.08 12.81
C CYS A 73 -9.48 18.25 13.42
N ALA A 74 -10.81 18.23 13.35
CA ALA A 74 -11.63 19.25 14.03
C ALA A 74 -11.36 19.20 15.55
N ILE A 75 -11.36 18.02 16.15
CA ILE A 75 -11.26 17.89 17.62
C ILE A 75 -9.88 18.35 18.07
N HIS A 76 -8.80 18.09 17.36
CA HIS A 76 -7.44 18.58 17.31
C HIS A 76 -7.26 20.07 17.48
N ALA A 77 -8.15 20.79 16.78
CA ALA A 77 -8.17 22.26 16.73
C ALA A 77 -9.08 22.82 17.83
N LYS A 78 -9.58 21.95 18.71
CA LYS A 78 -10.35 22.29 19.93
C LYS A 78 -11.77 22.69 19.53
N ARG A 79 -12.26 22.15 18.43
CA ARG A 79 -13.66 22.38 17.93
C ARG A 79 -14.42 21.04 17.95
N VAL A 80 -15.73 21.10 17.70
CA VAL A 80 -16.61 19.90 17.55
C VAL A 80 -17.33 19.97 16.22
N THR A 81 -17.07 21.01 15.41
CA THR A 81 -17.69 21.24 14.09
C THR A 81 -16.67 20.94 12.99
N ILE A 82 -16.96 19.99 12.11
CA ILE A 82 -16.05 19.65 10.98
C ILE A 82 -16.19 20.77 9.93
N MET A 83 -15.08 21.19 9.34
CA MET A 83 -15.03 22.23 8.30
C MET A 83 -14.19 21.73 7.13
N PRO A 84 -14.30 22.40 5.96
CA PRO A 84 -13.45 22.08 4.82
C PRO A 84 -11.97 21.87 5.18
N LYS A 85 -11.40 22.70 6.06
CA LYS A 85 -9.94 22.64 6.34
C LYS A 85 -9.66 21.29 7.02
N ASP A 86 -10.65 20.75 7.72
CA ASP A 86 -10.48 19.46 8.45
C ASP A 86 -10.43 18.32 7.45
N ILE A 87 -11.34 18.31 6.46
CA ILE A 87 -11.32 17.31 5.35
C ILE A 87 -9.98 17.44 4.61
N GLN A 88 -9.55 18.67 4.38
CA GLN A 88 -8.40 18.99 3.51
C GLN A 88 -7.14 18.45 4.20
N LEU A 89 -6.99 18.74 5.50
CA LEU A 89 -5.82 18.28 6.30
C LEU A 89 -5.80 16.75 6.36
N ALA A 90 -6.96 16.08 6.55
CA ALA A 90 -7.09 14.61 6.59
C ALA A 90 -6.59 14.03 5.26
N ARG A 91 -7.09 14.57 4.15
CA ARG A 91 -6.66 14.15 2.80
C ARG A 91 -5.16 14.36 2.61
N ARG A 92 -4.62 15.49 3.03
CA ARG A 92 -3.17 15.82 2.87
C ARG A 92 -2.35 14.75 3.61
N ILE A 93 -2.64 14.47 4.87
CA ILE A 93 -1.80 13.55 5.69
C ILE A 93 -1.98 12.11 5.18
N ARG A 94 -3.17 11.74 4.73
CA ARG A 94 -3.40 10.43 4.09
C ARG A 94 -2.59 10.31 2.78
N GLY A 95 -2.07 11.42 2.23
CA GLY A 95 -1.43 11.41 0.91
C GLY A 95 -2.42 11.27 -0.25
N GLU A 96 -3.62 11.83 -0.17
CA GLU A 96 -4.56 11.88 -1.33
C GLU A 96 -4.29 13.13 -2.18
N ARG A 97 -3.44 14.06 -1.73
CA ARG A 97 -2.89 15.16 -2.56
C ARG A 97 -1.92 15.99 -1.70
N ALA A 98 -1.47 17.14 -2.24
CA ALA A 98 -0.59 18.18 -1.64
C ALA A 98 0.54 17.55 -0.78
N VAL B 6 -38.17 20.91 -13.20
CA VAL B 6 -37.32 21.17 -11.98
C VAL B 6 -36.06 20.29 -12.05
N LEU B 7 -35.09 20.67 -12.90
CA LEU B 7 -33.87 19.87 -13.25
C LEU B 7 -32.64 20.41 -12.52
N ARG B 8 -31.74 19.52 -12.08
CA ARG B 8 -30.50 19.84 -11.32
C ARG B 8 -29.37 18.88 -11.70
N ASP B 9 -28.12 19.20 -11.32
CA ASP B 9 -26.92 18.35 -11.53
C ASP B 9 -27.14 16.98 -10.87
N ASN B 10 -26.45 15.95 -11.36
CA ASN B 10 -26.50 14.59 -10.76
C ASN B 10 -25.77 14.63 -9.41
N ILE B 11 -24.63 15.33 -9.33
CA ILE B 11 -23.80 15.46 -8.09
C ILE B 11 -24.67 15.96 -6.92
N GLN B 12 -25.61 16.88 -7.16
CA GLN B 12 -26.43 17.51 -6.09
C GLN B 12 -27.49 16.51 -5.64
N GLY B 13 -27.66 15.44 -6.42
CA GLY B 13 -28.40 14.23 -6.05
C GLY B 13 -27.84 13.58 -4.79
N ILE B 14 -26.56 13.83 -4.51
CA ILE B 14 -25.92 13.54 -3.20
C ILE B 14 -26.31 14.69 -2.26
N THR B 15 -27.38 14.50 -1.51
CA THR B 15 -28.11 15.57 -0.80
C THR B 15 -27.50 15.81 0.58
N LYS B 16 -27.76 16.98 1.14
CA LYS B 16 -27.35 17.42 2.50
C LYS B 16 -27.70 16.33 3.52
N PRO B 17 -28.93 15.84 3.56
CA PRO B 17 -29.30 14.87 4.59
C PRO B 17 -28.52 13.54 4.48
N ALA B 18 -28.21 13.09 3.27
CA ALA B 18 -27.43 11.85 3.02
C ALA B 18 -26.00 12.06 3.52
N ILE B 19 -25.37 13.17 3.16
CA ILE B 19 -23.97 13.49 3.57
C ILE B 19 -23.93 13.56 5.09
N ARG B 20 -25.00 14.08 5.67
CA ARG B 20 -25.15 14.26 7.13
C ARG B 20 -25.19 12.86 7.77
N ARG B 21 -25.78 11.86 7.09
CA ARG B 21 -25.89 10.47 7.61
C ARG B 21 -24.50 9.81 7.57
N LEU B 22 -23.78 9.96 6.46
CA LEU B 22 -22.40 9.43 6.32
C LEU B 22 -21.56 9.98 7.48
N ALA B 23 -21.52 11.30 7.67
CA ALA B 23 -20.78 11.96 8.77
C ALA B 23 -21.14 11.29 10.11
N ARG B 24 -22.43 11.02 10.30
CA ARG B 24 -22.97 10.54 11.59
C ARG B 24 -22.42 9.13 11.83
N ARG B 25 -22.40 8.26 10.82
CA ARG B 25 -21.77 6.93 10.94
C ARG B 25 -20.28 7.12 11.27
N GLY B 26 -19.69 8.22 10.79
CA GLY B 26 -18.31 8.64 11.08
C GLY B 26 -18.14 9.33 12.42
N GLY B 27 -19.22 9.46 13.21
CA GLY B 27 -19.18 9.97 14.60
C GLY B 27 -19.09 11.48 14.72
N VAL B 28 -19.49 12.23 13.69
CA VAL B 28 -19.49 13.72 13.63
C VAL B 28 -20.76 14.27 14.29
N LYS B 29 -20.62 15.28 15.15
CA LYS B 29 -21.74 15.85 15.95
C LYS B 29 -22.29 17.11 15.29
N ARG B 30 -21.41 17.94 14.72
CA ARG B 30 -21.72 19.28 14.19
C ARG B 30 -21.00 19.48 12.86
N ILE B 31 -21.65 20.09 11.87
CA ILE B 31 -21.18 20.17 10.46
C ILE B 31 -21.37 21.60 9.94
N SER B 32 -20.29 22.28 9.57
CA SER B 32 -20.29 23.53 8.76
C SER B 32 -21.02 23.30 7.43
N GLY B 33 -21.80 24.28 6.98
CA GLY B 33 -22.56 24.24 5.71
C GLY B 33 -21.68 24.12 4.48
N LEU B 34 -20.39 24.50 4.55
CA LEU B 34 -19.46 24.37 3.40
C LEU B 34 -19.11 22.90 3.13
N ILE B 35 -19.34 22.01 4.12
CA ILE B 35 -18.92 20.58 4.09
C ILE B 35 -19.60 19.90 2.91
N TYR B 36 -20.88 20.21 2.70
CA TYR B 36 -21.71 19.50 1.68
C TYR B 36 -21.06 19.63 0.30
N GLU B 37 -20.62 20.83 -0.10
CA GLU B 37 -19.99 21.01 -1.43
C GLU B 37 -18.61 20.35 -1.41
N GLU B 38 -17.85 20.51 -0.31
CA GLU B 38 -16.50 19.92 -0.18
C GLU B 38 -16.61 18.41 -0.31
N THR B 39 -17.56 17.79 0.39
CA THR B 39 -17.82 16.33 0.35
C THR B 39 -18.14 15.90 -1.08
N ARG B 40 -19.02 16.62 -1.78
CA ARG B 40 -19.36 16.31 -3.20
C ARG B 40 -18.09 16.33 -4.07
N GLY B 41 -17.21 17.31 -3.85
CA GLY B 41 -15.89 17.37 -4.54
C GLY B 41 -15.10 16.08 -4.38
N VAL B 42 -14.90 15.67 -3.14
CA VAL B 42 -14.10 14.47 -2.74
C VAL B 42 -14.76 13.24 -3.37
N LEU B 43 -16.08 13.12 -3.22
CA LEU B 43 -16.86 12.00 -3.76
C LEU B 43 -16.59 11.89 -5.27
N LYS B 44 -16.66 13.01 -5.99
CA LYS B 44 -16.50 13.03 -7.46
C LYS B 44 -15.13 12.41 -7.76
N VAL B 45 -14.06 12.94 -7.17
CA VAL B 45 -12.65 12.52 -7.41
C VAL B 45 -12.55 11.01 -7.18
N PHE B 46 -13.12 10.51 -6.08
CA PHE B 46 -13.04 9.08 -5.69
C PHE B 46 -13.61 8.25 -6.84
N LEU B 47 -14.85 8.57 -7.24
CA LEU B 47 -15.58 7.86 -8.32
C LEU B 47 -14.88 8.04 -9.67
N GLU B 48 -14.40 9.24 -9.98
CA GLU B 48 -13.58 9.46 -11.19
C GLU B 48 -12.46 8.42 -11.20
N ASN B 49 -11.70 8.34 -10.12
CA ASN B 49 -10.41 7.60 -10.09
C ASN B 49 -10.67 6.10 -10.24
N VAL B 50 -11.76 5.62 -9.64
CA VAL B 50 -12.12 4.18 -9.56
C VAL B 50 -12.79 3.80 -10.88
N ILE B 51 -13.73 4.64 -11.34
CA ILE B 51 -14.53 4.37 -12.58
C ILE B 51 -13.60 4.39 -13.77
N ARG B 52 -12.63 5.31 -13.80
CA ARG B 52 -11.58 5.33 -14.85
C ARG B 52 -10.92 3.94 -14.94
N ASP B 53 -10.43 3.40 -13.83
CA ASP B 53 -9.60 2.17 -13.83
C ASP B 53 -10.54 1.02 -14.18
N ALA B 54 -11.76 1.03 -13.65
CA ALA B 54 -12.76 -0.02 -13.92
C ALA B 54 -12.96 -0.07 -15.44
N VAL B 55 -13.25 1.08 -16.02
CA VAL B 55 -13.63 1.20 -17.46
C VAL B 55 -12.44 0.76 -18.30
N THR B 56 -11.21 1.14 -17.91
CA THR B 56 -9.97 0.63 -18.55
C THR B 56 -9.97 -0.91 -18.51
N TYR B 57 -10.46 -1.55 -17.45
CA TYR B 57 -10.56 -3.02 -17.38
C TYR B 57 -11.59 -3.47 -18.41
N THR B 58 -12.78 -2.86 -18.41
CA THR B 58 -13.86 -3.14 -19.40
C THR B 58 -13.28 -3.10 -20.82
N GLU B 59 -12.68 -1.98 -21.22
CA GLU B 59 -12.18 -1.77 -22.59
C GLU B 59 -11.19 -2.89 -22.92
N HIS B 60 -10.34 -3.26 -21.96
CA HIS B 60 -9.29 -4.27 -22.22
C HIS B 60 -9.98 -5.60 -22.58
N ALA B 61 -11.10 -5.90 -21.91
CA ALA B 61 -11.87 -7.15 -22.10
C ALA B 61 -12.82 -6.97 -23.29
N LYS B 62 -12.66 -5.90 -24.06
CA LYS B 62 -13.49 -5.62 -25.27
C LYS B 62 -14.97 -5.79 -24.91
N ARG B 63 -15.41 -5.28 -23.75
CA ARG B 63 -16.80 -5.43 -23.27
C ARG B 63 -17.43 -4.05 -23.33
N LYS B 64 -18.76 -3.97 -23.23
CA LYS B 64 -19.55 -2.71 -23.24
C LYS B 64 -20.32 -2.62 -21.93
N THR B 65 -20.04 -3.54 -21.00
CA THR B 65 -20.68 -3.64 -19.67
C THR B 65 -19.60 -3.71 -18.59
N VAL B 66 -19.62 -2.74 -17.68
CA VAL B 66 -18.68 -2.69 -16.52
C VAL B 66 -19.12 -3.78 -15.55
N THR B 67 -18.28 -4.79 -15.26
CA THR B 67 -18.61 -5.87 -14.29
C THR B 67 -18.28 -5.42 -12.86
N ALA B 68 -18.86 -6.11 -11.87
CA ALA B 68 -18.42 -6.04 -10.46
C ALA B 68 -16.92 -6.29 -10.38
N MET B 69 -16.39 -7.27 -11.13
CA MET B 69 -14.95 -7.61 -11.13
C MET B 69 -14.14 -6.40 -11.60
N ASP B 70 -14.60 -5.71 -12.63
CA ASP B 70 -13.94 -4.48 -13.16
C ASP B 70 -13.74 -3.50 -12.01
N VAL B 71 -14.76 -3.37 -11.17
CA VAL B 71 -14.81 -2.40 -10.04
C VAL B 71 -13.89 -2.89 -8.91
N VAL B 72 -14.04 -4.16 -8.53
CA VAL B 72 -13.25 -4.86 -7.47
C VAL B 72 -11.77 -4.78 -7.84
N TYR B 73 -11.43 -4.93 -9.12
CA TYR B 73 -10.01 -4.98 -9.54
C TYR B 73 -9.47 -3.54 -9.44
N ALA B 74 -10.36 -2.57 -9.65
CA ALA B 74 -10.03 -1.13 -9.68
C ALA B 74 -9.83 -0.62 -8.25
N LEU B 75 -10.81 -0.89 -7.40
CA LEU B 75 -10.71 -0.67 -5.95
C LEU B 75 -9.41 -1.29 -5.40
N LYS B 76 -9.09 -2.55 -5.72
CA LYS B 76 -7.84 -3.20 -5.22
C LYS B 76 -6.63 -2.33 -5.53
N ARG B 77 -6.42 -1.93 -6.79
CA ARG B 77 -5.15 -1.23 -7.18
C ARG B 77 -5.16 0.24 -6.70
N GLN B 78 -6.33 0.81 -6.41
CA GLN B 78 -6.45 2.15 -5.76
C GLN B 78 -6.29 2.02 -4.24
N GLY B 79 -5.91 0.84 -3.71
CA GLY B 79 -5.69 0.56 -2.26
C GLY B 79 -6.98 0.68 -1.43
N ARG B 80 -8.13 0.31 -2.01
CA ARG B 80 -9.45 0.27 -1.33
C ARG B 80 -10.06 -1.12 -1.52
N THR B 81 -9.28 -2.18 -1.30
CA THR B 81 -9.75 -3.58 -1.45
C THR B 81 -11.14 -3.73 -0.82
N LEU B 82 -12.09 -4.26 -1.59
CA LEU B 82 -13.48 -4.54 -1.20
C LEU B 82 -13.71 -6.05 -1.22
N TYR B 83 -14.40 -6.56 -0.21
CA TYR B 83 -14.75 -7.97 -0.02
C TYR B 83 -16.26 -8.07 -0.20
N GLY B 84 -16.71 -9.12 -0.87
CA GLY B 84 -18.14 -9.48 -1.02
C GLY B 84 -18.69 -9.31 -2.43
N PHE B 85 -17.88 -9.00 -3.43
CA PHE B 85 -18.38 -8.87 -4.82
C PHE B 85 -17.53 -9.71 -5.77
N GLY B 86 -16.87 -10.75 -5.27
CA GLY B 86 -15.97 -11.60 -6.08
C GLY B 86 -14.52 -11.21 -5.93
N GLY B 87 -13.64 -11.94 -6.64
CA GLY B 87 -12.18 -11.80 -6.60
C GLY B 87 -11.61 -12.44 -5.34
N LYS C 1 24.52 -9.87 -41.25
CA LYS C 1 23.27 -9.05 -41.19
C LYS C 1 22.55 -9.32 -39.86
N ALA C 2 23.28 -9.27 -38.73
CA ALA C 2 22.73 -9.30 -37.36
C ALA C 2 22.28 -7.88 -36.97
N LYS C 3 20.97 -7.68 -36.88
CA LYS C 3 20.33 -6.47 -36.30
C LYS C 3 19.83 -6.81 -34.90
N THR C 4 20.12 -5.97 -33.89
CA THR C 4 19.45 -6.04 -32.56
C THR C 4 17.98 -5.58 -32.74
N ARG C 5 17.09 -6.13 -31.93
CA ARG C 5 15.64 -5.79 -31.93
C ARG C 5 15.44 -4.35 -31.45
N SER C 6 16.34 -3.87 -30.59
CA SER C 6 16.50 -2.43 -30.28
C SER C 6 16.53 -1.66 -31.62
N SER C 7 17.60 -1.80 -32.41
CA SER C 7 17.80 -1.09 -33.71
C SER C 7 16.59 -1.30 -34.63
N ARG C 8 16.11 -2.53 -34.83
CA ARG C 8 14.87 -2.73 -35.59
C ARG C 8 13.81 -1.72 -35.14
N ALA C 9 13.63 -1.54 -33.82
CA ALA C 9 12.53 -0.77 -33.18
C ALA C 9 12.91 0.71 -32.97
N GLY C 10 14.20 1.03 -32.99
CA GLY C 10 14.72 2.40 -33.00
C GLY C 10 14.85 2.94 -31.60
N LEU C 11 15.36 2.09 -30.70
CA LEU C 11 15.37 2.27 -29.23
C LEU C 11 16.80 2.13 -28.73
N GLN C 12 17.16 2.94 -27.74
CA GLN C 12 18.47 2.84 -27.05
C GLN C 12 18.37 1.71 -26.03
N PHE C 13 17.15 1.46 -25.53
CA PHE C 13 16.86 0.52 -24.41
C PHE C 13 16.84 -0.90 -24.97
N PRO C 14 17.38 -1.90 -24.23
CA PRO C 14 17.61 -3.24 -24.78
C PRO C 14 16.36 -4.11 -24.76
N VAL C 15 15.83 -4.42 -25.94
CA VAL C 15 14.58 -5.23 -26.11
C VAL C 15 14.88 -6.68 -25.72
N GLY C 16 16.09 -7.14 -26.05
CA GLY C 16 16.58 -8.47 -25.69
C GLY C 16 16.42 -8.70 -24.21
N ARG C 17 17.20 -7.94 -23.43
CA ARG C 17 17.20 -7.93 -21.94
C ARG C 17 15.76 -7.95 -21.42
N VAL C 18 14.91 -7.05 -21.92
CA VAL C 18 13.55 -6.82 -21.39
C VAL C 18 12.68 -8.05 -21.66
N HIS C 19 12.86 -8.68 -22.83
CA HIS C 19 12.18 -9.96 -23.19
C HIS C 19 12.54 -11.02 -22.15
N ARG C 20 13.83 -11.10 -21.82
CA ARG C 20 14.37 -12.11 -20.89
C ARG C 20 13.78 -11.86 -19.50
N LEU C 21 13.84 -10.62 -19.02
CA LEU C 21 13.40 -10.28 -17.65
C LEU C 21 11.89 -10.58 -17.53
N LEU C 22 11.15 -10.46 -18.63
CA LEU C 22 9.71 -10.84 -18.64
C LEU C 22 9.56 -12.35 -18.57
N ARG C 23 10.58 -13.08 -19.02
CA ARG C 23 10.61 -14.56 -19.09
C ARG C 23 10.89 -15.12 -17.69
N LYS C 24 11.99 -14.67 -17.07
CA LYS C 24 12.53 -15.18 -15.80
C LYS C 24 11.68 -14.68 -14.61
N GLY C 25 10.83 -13.67 -14.82
CA GLY C 25 10.04 -13.02 -13.75
C GLY C 25 8.69 -13.68 -13.54
N ASN C 26 8.35 -14.67 -14.35
CA ASN C 26 7.14 -15.49 -14.13
C ASN C 26 5.95 -14.55 -14.02
N TYR C 27 5.75 -13.76 -15.07
CA TYR C 27 4.62 -12.80 -15.18
C TYR C 27 3.51 -13.51 -15.93
N SER C 28 3.89 -14.43 -16.83
CA SER C 28 2.95 -15.21 -17.67
C SER C 28 3.65 -16.43 -18.27
N GLU C 29 2.85 -17.40 -18.73
CA GLU C 29 3.33 -18.61 -19.46
C GLU C 29 4.20 -18.15 -20.63
N ARG C 30 3.65 -17.24 -21.44
CA ARG C 30 4.17 -16.85 -22.78
C ARG C 30 4.18 -15.32 -22.91
N VAL C 31 5.14 -14.82 -23.68
CA VAL C 31 5.40 -13.37 -23.90
C VAL C 31 5.41 -13.07 -25.41
N GLY C 32 4.48 -12.23 -25.86
CA GLY C 32 4.34 -11.79 -27.26
C GLY C 32 5.54 -10.98 -27.74
N ALA C 33 5.72 -10.90 -29.06
CA ALA C 33 6.86 -10.21 -29.72
C ALA C 33 6.75 -8.69 -29.45
N GLY C 34 5.53 -8.16 -29.35
CA GLY C 34 5.26 -6.74 -29.09
C GLY C 34 5.70 -6.31 -27.69
N ALA C 35 5.27 -7.06 -26.68
CA ALA C 35 5.46 -6.75 -25.25
C ALA C 35 6.83 -6.12 -24.99
N PRO C 36 7.96 -6.79 -25.23
CA PRO C 36 9.27 -6.27 -24.82
C PRO C 36 9.59 -4.93 -25.47
N VAL C 37 9.12 -4.76 -26.69
CA VAL C 37 9.45 -3.59 -27.54
C VAL C 37 8.71 -2.40 -26.93
N TYR C 38 7.43 -2.61 -26.65
CA TYR C 38 6.56 -1.57 -26.07
C TYR C 38 7.11 -1.18 -24.69
N LEU C 39 7.51 -2.18 -23.90
CA LEU C 39 7.95 -1.95 -22.52
C LEU C 39 9.28 -1.19 -22.56
N ALA C 40 10.22 -1.66 -23.39
CA ALA C 40 11.56 -1.05 -23.47
C ALA C 40 11.42 0.43 -23.88
N ALA C 41 10.37 0.73 -24.66
CA ALA C 41 10.12 2.07 -25.24
C ALA C 41 9.57 3.00 -24.15
N VAL C 42 8.58 2.51 -23.40
CA VAL C 42 8.01 3.23 -22.22
C VAL C 42 9.13 3.52 -21.21
N LEU C 43 9.96 2.52 -20.89
CA LEU C 43 11.02 2.70 -19.87
C LEU C 43 11.95 3.80 -20.40
N GLU C 44 12.34 3.73 -21.67
CA GLU C 44 13.21 4.72 -22.37
C GLU C 44 12.56 6.10 -22.36
N TYR C 45 11.27 6.17 -22.68
CA TYR C 45 10.53 7.45 -22.61
C TYR C 45 10.74 8.03 -21.20
N LEU C 46 10.36 7.24 -20.17
CA LEU C 46 10.31 7.77 -18.78
C LEU C 46 11.73 8.21 -18.38
N THR C 47 12.76 7.47 -18.75
CA THR C 47 14.12 7.83 -18.28
C THR C 47 14.53 9.11 -19.01
N ALA C 48 13.97 9.35 -20.21
CA ALA C 48 14.30 10.56 -20.99
C ALA C 48 13.66 11.78 -20.33
N GLU C 49 12.38 11.66 -20.00
CA GLU C 49 11.60 12.66 -19.20
C GLU C 49 12.40 13.02 -17.94
N ILE C 50 12.86 12.04 -17.16
CA ILE C 50 13.51 12.35 -15.85
C ILE C 50 14.82 13.05 -16.15
N LEU C 51 15.59 12.56 -17.12
CA LEU C 51 16.95 13.11 -17.38
C LEU C 51 16.84 14.51 -18.00
N GLU C 52 15.79 14.79 -18.77
CA GLU C 52 15.56 16.16 -19.28
C GLU C 52 15.50 17.10 -18.08
N LEU C 53 14.58 16.83 -17.13
CA LEU C 53 14.26 17.75 -16.00
C LEU C 53 15.43 17.80 -15.02
N ALA C 54 16.18 16.71 -14.85
CA ALA C 54 17.26 16.67 -13.87
C ALA C 54 18.47 17.40 -14.46
N GLY C 55 18.76 17.11 -15.73
CA GLY C 55 19.61 17.98 -16.57
C GLY C 55 19.34 19.45 -16.33
N ASN C 56 18.06 19.87 -16.38
CA ASN C 56 17.76 21.31 -16.18
C ASN C 56 18.12 21.70 -14.75
N ALA C 57 17.85 20.86 -13.75
CA ALA C 57 18.12 21.22 -12.35
C ALA C 57 19.65 21.32 -12.17
N ALA C 58 20.42 20.37 -12.72
CA ALA C 58 21.91 20.46 -12.73
C ALA C 58 22.32 21.84 -13.27
N ARG C 59 21.90 22.22 -14.48
CA ARG C 59 22.29 23.51 -15.15
C ARG C 59 21.85 24.70 -14.30
N ASP C 60 20.61 24.71 -13.79
CA ASP C 60 20.14 25.77 -12.84
C ASP C 60 21.14 25.93 -11.67
N ASN C 61 21.69 24.84 -11.11
CA ASN C 61 22.56 24.91 -9.88
C ASN C 61 24.02 25.02 -10.34
N LYS C 62 24.24 25.46 -11.59
CA LYS C 62 25.56 25.83 -12.15
C LYS C 62 26.47 24.58 -12.19
N LYS C 63 25.88 23.42 -12.45
CA LYS C 63 26.57 22.10 -12.41
C LYS C 63 26.40 21.38 -13.74
N THR C 64 27.37 20.54 -14.06
CA THR C 64 27.50 19.70 -15.26
C THR C 64 27.10 18.24 -14.98
N ARG C 65 27.21 17.81 -13.72
CA ARG C 65 26.95 16.39 -13.35
C ARG C 65 25.65 16.34 -12.54
N ILE C 66 24.65 15.68 -13.11
CA ILE C 66 23.42 15.24 -12.40
C ILE C 66 23.80 14.42 -11.17
N ILE C 67 23.37 14.86 -9.98
CA ILE C 67 23.45 14.11 -8.69
C ILE C 67 22.03 13.81 -8.24
N PRO C 68 21.86 12.98 -7.18
CA PRO C 68 20.53 12.64 -6.67
C PRO C 68 19.73 13.87 -6.31
N ARG C 69 20.36 14.94 -5.83
CA ARG C 69 19.56 16.16 -5.50
C ARG C 69 18.86 16.62 -6.77
N HIS C 70 19.53 16.57 -7.93
CA HIS C 70 18.95 17.09 -9.19
C HIS C 70 17.77 16.19 -9.58
N LEU C 71 17.87 14.88 -9.35
CA LEU C 71 16.72 13.98 -9.65
C LEU C 71 15.58 14.29 -8.68
N GLN C 72 15.89 14.61 -7.42
CA GLN C 72 14.80 14.85 -6.46
C GLN C 72 14.09 16.16 -6.88
N LEU C 73 14.84 17.21 -7.13
CA LEU C 73 14.24 18.49 -7.57
C LEU C 73 13.36 18.28 -8.81
N ALA C 74 13.87 17.54 -9.77
CA ALA C 74 13.17 17.25 -11.04
C ALA C 74 11.84 16.55 -10.75
N ILE C 75 11.89 15.48 -9.97
CA ILE C 75 10.71 14.61 -9.74
C ILE C 75 9.71 15.41 -8.91
N ARG C 76 10.18 16.14 -7.90
CA ARG C 76 9.25 16.68 -6.88
C ARG C 76 8.60 17.93 -7.46
N ASN C 77 9.22 18.57 -8.45
CA ASN C 77 8.69 19.83 -9.03
C ASN C 77 7.78 19.50 -10.21
N ASP C 78 7.63 18.23 -10.59
CA ASP C 78 6.78 17.81 -11.73
C ASP C 78 5.55 17.04 -11.23
N GLU C 79 4.35 17.59 -11.37
CA GLU C 79 3.13 17.06 -10.74
C GLU C 79 3.04 15.54 -11.01
N GLU C 80 3.39 15.11 -12.22
CA GLU C 80 3.08 13.73 -12.70
C GLU C 80 4.18 12.77 -12.28
N LEU C 81 5.44 13.20 -12.29
CA LEU C 81 6.53 12.31 -11.84
C LEU C 81 6.41 12.17 -10.33
N ASN C 82 6.05 13.27 -9.65
CA ASN C 82 5.81 13.32 -8.20
C ASN C 82 4.72 12.30 -7.79
N LYS C 83 3.64 12.21 -8.55
CA LYS C 83 2.56 11.22 -8.30
C LYS C 83 3.07 9.81 -8.66
N LEU C 84 3.78 9.65 -9.76
CA LEU C 84 4.25 8.29 -10.15
C LEU C 84 5.16 7.74 -9.05
N LEU C 85 5.97 8.63 -8.44
CA LEU C 85 7.01 8.27 -7.44
C LEU C 85 6.66 8.82 -6.04
N GLY C 86 5.37 8.89 -5.70
CA GLY C 86 4.88 9.48 -4.44
C GLY C 86 5.20 8.64 -3.20
N ARG C 87 5.44 7.32 -3.36
CA ARG C 87 5.81 6.39 -2.28
C ARG C 87 7.24 5.88 -2.55
N VAL C 88 8.12 6.74 -3.03
CA VAL C 88 9.56 6.39 -3.29
C VAL C 88 10.45 7.40 -2.55
N THR C 89 11.60 6.94 -2.10
CA THR C 89 12.60 7.76 -1.43
C THR C 89 13.82 7.73 -2.34
N ILE C 90 14.36 8.89 -2.64
CA ILE C 90 15.57 9.03 -3.45
C ILE C 90 16.68 9.26 -2.44
N ALA C 91 17.52 8.26 -2.22
CA ALA C 91 18.66 8.39 -1.30
C ALA C 91 19.39 9.67 -1.71
N GLN C 92 19.81 10.49 -0.75
CA GLN C 92 20.63 11.72 -0.93
C GLN C 92 19.86 12.76 -1.77
N GLY C 93 18.52 12.65 -1.79
CA GLY C 93 17.64 13.59 -2.51
C GLY C 93 17.32 14.88 -1.77
N GLY C 94 17.32 14.87 -0.44
CA GLY C 94 16.80 15.98 0.39
C GLY C 94 15.31 16.22 0.11
N VAL C 95 14.82 17.41 0.44
CA VAL C 95 13.41 17.82 0.20
C VAL C 95 13.39 19.14 -0.59
N LEU C 96 12.24 19.54 -1.11
CA LEU C 96 12.05 20.92 -1.66
C LEU C 96 12.08 21.98 -0.56
N PRO C 97 12.84 23.08 -0.74
CA PRO C 97 12.64 24.27 0.09
C PRO C 97 11.15 24.62 0.13
N ASN C 98 10.60 24.71 1.33
CA ASN C 98 9.18 24.98 1.59
C ASN C 98 9.04 25.30 3.08
N ILE C 99 8.67 26.55 3.35
CA ILE C 99 8.32 27.08 4.69
C ILE C 99 6.85 27.48 4.69
N GLN C 100 6.09 26.99 5.64
CA GLN C 100 4.67 27.33 5.81
C GLN C 100 4.62 28.81 6.12
N ALA C 101 3.73 29.54 5.44
CA ALA C 101 3.66 31.03 5.40
C ALA C 101 3.58 31.61 6.82
N VAL C 102 2.70 31.08 7.67
CA VAL C 102 2.49 31.55 9.07
C VAL C 102 3.82 31.55 9.83
N LEU C 103 4.81 30.75 9.42
CA LEU C 103 6.08 30.61 10.19
C LEU C 103 7.00 31.81 9.90
N LEU C 104 6.77 32.51 8.79
CA LEU C 104 7.59 33.69 8.43
C LEU C 104 7.25 34.84 9.38
N PRO C 105 8.24 35.71 9.66
CA PRO C 105 8.06 36.81 10.62
C PRO C 105 7.28 38.05 10.14
N LYS C 106 6.91 38.91 11.10
CA LYS C 106 6.47 40.34 10.94
C LYS C 106 5.02 40.41 10.42
N LYS C 107 4.52 41.63 10.20
CA LYS C 107 3.11 41.94 9.82
C LYS C 107 3.09 42.94 8.65
N ARG D 1 33.76 -11.63 -9.34
CA ARG D 1 33.67 -10.88 -10.64
C ARG D 1 32.50 -11.41 -11.47
N SER D 2 31.42 -11.84 -10.80
CA SER D 2 30.20 -12.37 -11.48
C SER D 2 29.47 -11.20 -12.15
N ARG D 3 29.25 -11.31 -13.46
CA ARG D 3 28.64 -10.24 -14.29
C ARG D 3 27.33 -9.85 -13.61
N LYS D 4 27.32 -8.70 -12.92
CA LYS D 4 26.10 -8.06 -12.36
C LYS D 4 25.70 -6.91 -13.29
N GLU D 5 24.52 -7.03 -13.91
CA GLU D 5 24.07 -6.21 -15.06
C GLU D 5 23.10 -5.10 -14.59
N SER D 6 23.06 -4.00 -15.35
CA SER D 6 22.26 -2.78 -15.04
C SER D 6 21.82 -2.11 -16.35
N TYR D 7 21.06 -1.03 -16.23
CA TYR D 7 20.57 -0.24 -17.39
C TYR D 7 21.49 0.97 -17.62
N SER D 8 22.63 1.04 -16.93
CA SER D 8 23.57 2.21 -16.98
C SER D 8 23.83 2.66 -18.42
N VAL D 9 24.25 1.71 -19.24
CA VAL D 9 24.78 1.93 -20.62
C VAL D 9 23.70 2.71 -21.39
N TYR D 10 22.44 2.30 -21.24
CA TYR D 10 21.26 2.84 -21.97
C TYR D 10 20.78 4.16 -21.36
N VAL D 11 20.82 4.26 -20.04
CA VAL D 11 20.50 5.56 -19.37
C VAL D 11 21.47 6.62 -19.88
N TYR D 12 22.75 6.28 -19.99
CA TYR D 12 23.83 7.23 -20.36
C TYR D 12 23.67 7.63 -21.85
N LYS D 13 23.22 6.71 -22.70
CA LYS D 13 22.92 7.04 -24.12
C LYS D 13 21.86 8.13 -24.11
N VAL D 14 20.79 7.90 -23.35
CA VAL D 14 19.59 8.77 -23.35
C VAL D 14 19.99 10.10 -22.72
N LEU D 15 20.85 10.08 -21.71
CA LEU D 15 21.35 11.36 -21.17
C LEU D 15 22.00 12.18 -22.30
N LYS D 16 22.75 11.53 -23.18
CA LYS D 16 23.60 12.20 -24.19
C LYS D 16 22.69 12.71 -25.30
N GLN D 17 21.65 11.96 -25.65
CA GLN D 17 20.60 12.44 -26.57
C GLN D 17 19.98 13.76 -26.04
N VAL D 18 19.66 13.91 -24.74
CA VAL D 18 18.80 15.06 -24.25
C VAL D 18 19.65 16.21 -23.73
N HIS D 19 20.83 15.92 -23.19
CA HIS D 19 21.74 16.92 -22.58
C HIS D 19 23.16 16.47 -22.92
N PRO D 20 23.63 16.80 -24.14
CA PRO D 20 24.87 16.21 -24.66
C PRO D 20 26.11 16.64 -23.87
N ASP D 21 26.06 17.72 -23.09
CA ASP D 21 27.25 18.16 -22.32
C ASP D 21 27.11 17.79 -20.84
N THR D 22 26.17 16.93 -20.47
CA THR D 22 25.84 16.67 -19.05
C THR D 22 26.31 15.30 -18.59
N GLY D 23 26.89 15.24 -17.40
CA GLY D 23 27.29 13.97 -16.75
C GLY D 23 26.26 13.48 -15.74
N ILE D 24 26.51 12.31 -15.16
CA ILE D 24 25.68 11.71 -14.09
C ILE D 24 26.61 11.00 -13.10
N SER D 25 26.51 11.34 -11.81
CA SER D 25 27.23 10.65 -10.68
C SER D 25 26.83 9.17 -10.64
N SER D 26 27.65 8.29 -10.07
CA SER D 26 27.26 6.86 -9.91
C SER D 26 26.06 6.73 -8.96
N LYS D 27 25.96 7.60 -7.96
CA LYS D 27 24.76 7.61 -7.07
C LYS D 27 23.54 7.87 -7.95
N ALA D 28 23.55 8.96 -8.71
CA ALA D 28 22.43 9.36 -9.57
C ALA D 28 22.16 8.20 -10.52
N MET D 29 23.20 7.57 -11.01
CA MET D 29 23.01 6.41 -11.91
C MET D 29 22.35 5.28 -11.12
N GLY D 30 22.75 5.11 -9.84
CA GLY D 30 22.14 4.13 -8.91
C GLY D 30 20.66 4.36 -8.80
N ILE D 31 20.26 5.61 -8.64
CA ILE D 31 18.83 5.98 -8.58
C ILE D 31 18.11 5.67 -9.89
N MET D 32 18.70 6.07 -11.03
CA MET D 32 18.08 5.84 -12.37
C MET D 32 17.87 4.34 -12.57
N ASN D 33 18.85 3.54 -12.13
CA ASN D 33 18.73 2.06 -12.13
C ASN D 33 17.54 1.58 -11.28
N SER D 34 17.41 2.08 -10.06
CA SER D 34 16.30 1.70 -9.15
C SER D 34 14.99 2.03 -9.85
N PHE D 35 14.93 3.22 -10.45
CA PHE D 35 13.73 3.77 -11.13
C PHE D 35 13.30 2.84 -12.26
N VAL D 36 14.24 2.39 -13.10
CA VAL D 36 13.90 1.50 -14.24
C VAL D 36 13.40 0.15 -13.73
N ASN D 37 14.11 -0.49 -12.79
CA ASN D 37 13.68 -1.80 -12.23
C ASN D 37 12.27 -1.64 -11.64
N ASP D 38 12.05 -0.53 -10.93
CA ASP D 38 10.77 -0.29 -10.22
C ASP D 38 9.66 -0.23 -11.25
N ILE D 39 9.76 0.65 -12.24
CA ILE D 39 8.64 0.86 -13.22
C ILE D 39 8.45 -0.42 -14.06
N PHE D 40 9.54 -1.10 -14.39
CA PHE D 40 9.48 -2.44 -15.02
C PHE D 40 8.53 -3.37 -14.24
N GLU D 41 8.86 -3.67 -12.97
CA GLU D 41 8.06 -4.54 -12.07
C GLU D 41 6.63 -4.01 -12.04
N ARG D 42 6.42 -2.72 -11.81
CA ARG D 42 5.03 -2.22 -11.69
C ARG D 42 4.25 -2.55 -12.96
N ILE D 43 4.82 -2.27 -14.15
CA ILE D 43 4.12 -2.50 -15.46
C ILE D 43 4.00 -4.01 -15.69
N ALA D 44 5.07 -4.78 -15.47
CA ALA D 44 4.98 -6.24 -15.71
C ALA D 44 3.92 -6.82 -14.78
N GLY D 45 3.89 -6.36 -13.54
CA GLY D 45 2.93 -6.83 -12.53
C GLY D 45 1.50 -6.56 -12.96
N GLU D 46 1.19 -5.31 -13.31
CA GLU D 46 -0.18 -4.95 -13.76
C GLU D 46 -0.55 -5.84 -14.94
N ALA D 47 0.37 -6.01 -15.90
CA ALA D 47 0.17 -6.84 -17.11
C ALA D 47 -0.13 -8.30 -16.72
N SER D 48 0.70 -8.88 -15.84
CA SER D 48 0.54 -10.27 -15.32
C SER D 48 -0.89 -10.47 -14.87
N ARG D 49 -1.34 -9.60 -13.98
CA ARG D 49 -2.67 -9.61 -13.31
C ARG D 49 -3.76 -9.49 -14.37
N LEU D 50 -3.61 -8.50 -15.23
CA LEU D 50 -4.50 -8.17 -16.36
C LEU D 50 -4.77 -9.43 -17.20
N ALA D 51 -3.71 -10.13 -17.61
CA ALA D 51 -3.78 -11.41 -18.35
C ALA D 51 -4.55 -12.46 -17.52
N HIS D 52 -4.15 -12.71 -16.26
CA HIS D 52 -4.88 -13.66 -15.39
C HIS D 52 -6.34 -13.25 -15.31
N TYR D 53 -6.63 -11.96 -15.12
CA TYR D 53 -8.02 -11.47 -14.98
C TYR D 53 -8.83 -11.87 -16.23
N ASN D 54 -8.18 -11.99 -17.38
CA ASN D 54 -8.84 -12.30 -18.67
C ASN D 54 -8.49 -13.72 -19.15
N LYS D 55 -8.18 -14.65 -18.25
CA LYS D 55 -7.86 -16.07 -18.56
C LYS D 55 -7.01 -16.15 -19.84
N ARG D 56 -5.94 -15.35 -19.92
CA ARG D 56 -4.94 -15.38 -21.01
C ARG D 56 -3.64 -15.86 -20.41
N SER D 57 -2.80 -16.50 -21.22
CA SER D 57 -1.48 -17.05 -20.84
C SER D 57 -0.37 -16.24 -21.53
N THR D 58 -0.75 -15.19 -22.26
CA THR D 58 0.22 -14.37 -23.05
C THR D 58 0.14 -12.90 -22.62
N ILE D 59 1.29 -12.31 -22.29
CA ILE D 59 1.46 -10.84 -22.17
C ILE D 59 1.87 -10.32 -23.56
N THR D 60 0.99 -9.58 -24.21
CA THR D 60 1.25 -8.87 -25.50
C THR D 60 1.42 -7.37 -25.26
N SER D 61 1.85 -6.62 -26.28
CA SER D 61 1.90 -5.14 -26.22
C SER D 61 0.55 -4.60 -25.75
N ARG D 62 -0.53 -5.31 -26.01
CA ARG D 62 -1.88 -4.83 -25.59
C ARG D 62 -1.99 -4.83 -24.06
N GLU D 63 -1.45 -5.85 -23.37
CA GLU D 63 -1.46 -5.90 -21.89
C GLU D 63 -0.51 -4.82 -21.38
N ILE D 64 0.69 -4.70 -21.96
CA ILE D 64 1.62 -3.61 -21.54
C ILE D 64 0.89 -2.27 -21.65
N GLN D 65 0.19 -2.07 -22.76
CA GLN D 65 -0.40 -0.75 -23.06
C GLN D 65 -1.41 -0.42 -21.95
N THR D 66 -2.29 -1.36 -21.62
CA THR D 66 -3.34 -1.12 -20.59
C THR D 66 -2.67 -0.86 -19.24
N ALA D 67 -1.64 -1.64 -18.91
CA ALA D 67 -0.85 -1.53 -17.69
C ALA D 67 -0.32 -0.10 -17.60
N VAL D 68 0.23 0.41 -18.71
CA VAL D 68 0.73 1.83 -18.76
C VAL D 68 -0.43 2.81 -18.50
N ARG D 69 -1.62 2.54 -19.02
CA ARG D 69 -2.79 3.46 -18.79
C ARG D 69 -3.20 3.42 -17.33
N LEU D 70 -3.06 2.27 -16.66
CA LEU D 70 -3.40 2.11 -15.24
C LEU D 70 -2.31 2.71 -14.36
N LEU D 71 -1.04 2.55 -14.71
CA LEU D 71 0.06 2.93 -13.80
C LEU D 71 0.43 4.40 -13.96
N LEU D 72 0.51 4.93 -15.18
CA LEU D 72 1.04 6.30 -15.33
C LEU D 72 -0.12 7.28 -15.21
N PRO D 73 0.15 8.50 -14.72
CA PRO D 73 -0.83 9.57 -14.78
C PRO D 73 -0.95 10.18 -16.18
N GLY D 74 -2.10 10.83 -16.42
CA GLY D 74 -2.61 11.42 -17.68
C GLY D 74 -1.58 11.55 -18.79
N GLU D 75 -0.79 12.62 -18.75
CA GLU D 75 0.10 13.02 -19.87
C GLU D 75 1.22 11.99 -20.05
N LEU D 76 1.84 11.48 -18.98
CA LEU D 76 3.00 10.56 -19.13
C LEU D 76 2.49 9.31 -19.86
N ALA D 77 1.28 8.86 -19.52
CA ALA D 77 0.61 7.73 -20.20
C ALA D 77 0.47 8.06 -21.71
N LYS D 78 -0.19 9.18 -22.03
CA LYS D 78 -0.37 9.65 -23.43
C LYS D 78 0.95 9.46 -24.18
N HIS D 79 2.01 10.15 -23.74
CA HIS D 79 3.32 10.15 -24.43
C HIS D 79 3.90 8.73 -24.42
N ALA D 80 3.75 7.99 -23.31
CA ALA D 80 4.37 6.65 -23.16
C ALA D 80 3.72 5.72 -24.17
N VAL D 81 2.39 5.76 -24.23
CA VAL D 81 1.61 4.97 -25.21
C VAL D 81 2.09 5.29 -26.63
N SER D 82 2.29 6.56 -26.98
CA SER D 82 2.78 6.98 -28.33
C SER D 82 4.08 6.23 -28.63
N GLU D 83 5.09 6.41 -27.78
CA GLU D 83 6.47 5.90 -28.03
C GLU D 83 6.46 4.38 -28.16
N GLY D 84 5.57 3.72 -27.42
CA GLY D 84 5.45 2.25 -27.42
C GLY D 84 4.65 1.78 -28.62
N THR D 85 3.59 2.49 -28.99
CA THR D 85 2.78 2.14 -30.18
C THR D 85 3.67 2.31 -31.43
N LYS D 86 4.35 3.45 -31.52
CA LYS D 86 5.40 3.75 -32.52
C LYS D 86 6.40 2.59 -32.56
N ALA D 87 7.19 2.41 -31.50
CA ALA D 87 8.33 1.46 -31.47
C ALA D 87 7.91 0.07 -31.99
N VAL D 88 6.65 -0.29 -31.81
CA VAL D 88 6.14 -1.65 -32.14
C VAL D 88 5.87 -1.67 -33.64
N THR D 89 4.86 -0.91 -34.06
CA THR D 89 4.52 -0.61 -35.47
C THR D 89 5.78 -0.51 -36.33
N LYS D 90 6.83 0.16 -35.85
CA LYS D 90 8.14 0.23 -36.56
C LYS D 90 8.83 -1.13 -36.54
N TYR D 91 9.01 -1.73 -35.36
CA TYR D 91 9.67 -3.05 -35.18
C TYR D 91 9.00 -4.10 -36.08
N THR D 92 7.67 -4.05 -36.23
CA THR D 92 6.87 -4.98 -37.07
C THR D 92 7.22 -4.74 -38.55
N SER D 93 7.00 -3.52 -39.03
CA SER D 93 7.27 -3.09 -40.42
C SER D 93 8.77 -2.75 -40.60
N ALA D 94 9.65 -3.43 -39.85
CA ALA D 94 11.11 -3.50 -40.08
C ALA D 94 11.50 -4.98 -40.13
N LYS D 95 10.76 -5.76 -40.92
CA LYS D 95 10.94 -7.22 -41.14
C LYS D 95 10.22 -7.59 -42.45
N PRO E 1 27.34 42.76 22.68
CA PRO E 1 26.53 41.56 22.47
C PRO E 1 25.22 41.90 21.72
N HIS E 2 24.84 41.10 20.72
CA HIS E 2 23.59 41.29 19.92
C HIS E 2 22.98 39.92 19.58
N ARG E 3 21.74 39.72 20.03
CA ARG E 3 20.99 38.45 19.98
C ARG E 3 19.99 38.48 18.83
N TYR E 4 19.87 37.37 18.10
CA TYR E 4 18.72 37.13 17.22
C TYR E 4 17.50 36.84 18.11
N ARG E 5 16.34 37.36 17.72
CA ARG E 5 15.07 37.09 18.42
C ARG E 5 14.74 35.61 18.20
N PRO E 6 14.07 34.95 19.16
CA PRO E 6 13.54 33.61 18.95
C PRO E 6 12.88 33.45 17.58
N GLY E 7 13.32 32.46 16.78
CA GLY E 7 12.68 32.10 15.50
C GLY E 7 13.56 32.45 14.31
N THR E 8 14.46 33.42 14.48
CA THR E 8 15.30 33.94 13.40
C THR E 8 16.31 32.85 13.07
N VAL E 9 16.92 32.23 14.08
CA VAL E 9 17.93 31.16 13.80
C VAL E 9 17.19 29.88 13.38
N ALA E 10 16.02 29.60 13.97
CA ALA E 10 15.19 28.45 13.55
C ALA E 10 14.94 28.57 12.05
N LEU E 11 14.52 29.74 11.54
CA LEU E 11 14.27 29.93 10.08
C LEU E 11 15.58 29.77 9.28
N ARG E 12 16.69 30.30 9.79
CA ARG E 12 18.03 30.13 9.17
C ARG E 12 18.29 28.63 8.98
N GLU E 13 18.01 27.83 10.03
CA GLU E 13 18.29 26.38 10.06
C GLU E 13 17.38 25.64 9.06
N ILE E 14 16.08 25.96 9.04
CA ILE E 14 15.15 25.38 8.04
C ILE E 14 15.70 25.63 6.63
N ARG E 15 16.10 26.86 6.33
CA ARG E 15 16.61 27.20 4.97
C ARG E 15 17.85 26.34 4.69
N ARG E 16 18.71 26.16 5.67
CA ARG E 16 20.04 25.50 5.47
C ARG E 16 19.80 24.00 5.27
N TYR E 17 18.95 23.38 6.10
CA TYR E 17 18.78 21.90 6.06
C TYR E 17 17.89 21.51 4.87
N GLN E 18 16.99 22.39 4.44
CA GLN E 18 16.11 22.14 3.26
C GLN E 18 16.93 22.31 1.97
N LYS E 19 18.09 22.96 2.03
CA LYS E 19 18.96 23.17 0.86
C LYS E 19 19.88 21.96 0.70
N SER E 20 20.20 21.27 1.78
CA SER E 20 21.26 20.24 1.77
C SER E 20 20.61 18.86 1.80
N THR E 21 21.43 17.82 1.54
CA THR E 21 21.01 16.39 1.51
C THR E 21 21.79 15.48 2.49
N GLU E 22 22.79 16.00 3.22
CA GLU E 22 23.62 15.18 4.16
C GLU E 22 22.69 14.52 5.19
N LEU E 23 22.99 13.31 5.58
CA LEU E 23 22.35 12.70 6.78
C LEU E 23 22.66 13.56 8.01
N LEU E 24 21.64 13.72 8.84
CA LEU E 24 21.59 14.63 9.99
C LEU E 24 21.79 13.87 11.32
N ILE E 25 21.72 12.55 11.36
CA ILE E 25 22.03 11.73 12.57
C ILE E 25 23.50 11.31 12.45
N ARG E 26 24.28 11.33 13.52
CA ARG E 26 25.69 10.90 13.51
C ARG E 26 25.72 9.42 13.07
N LYS E 27 26.74 9.02 12.29
CA LYS E 27 26.84 7.69 11.65
C LYS E 27 26.96 6.58 12.71
N LEU E 28 27.87 6.73 13.68
CA LEU E 28 28.24 5.63 14.61
C LEU E 28 27.10 5.35 15.59
N PRO E 29 26.56 6.35 16.30
CA PRO E 29 25.37 6.15 17.11
C PRO E 29 24.27 5.36 16.40
N PHE E 30 24.03 5.67 15.12
CA PHE E 30 22.89 5.13 14.35
C PHE E 30 23.17 3.68 14.05
N GLN E 31 24.44 3.36 13.77
CA GLN E 31 24.91 1.98 13.49
C GLN E 31 24.78 1.10 14.76
N ARG E 32 25.20 1.61 15.93
CA ARG E 32 25.01 0.95 17.24
C ARG E 32 23.52 0.64 17.46
N LEU E 33 22.64 1.63 17.21
CA LEU E 33 21.19 1.44 17.43
C LEU E 33 20.69 0.32 16.50
N VAL E 34 21.16 0.28 15.25
CA VAL E 34 20.78 -0.79 14.28
C VAL E 34 21.25 -2.14 14.80
N ARG E 35 22.46 -2.21 15.35
CA ARG E 35 23.09 -3.49 15.79
C ARG E 35 22.40 -4.00 17.05
N GLU E 36 22.07 -3.09 17.97
CA GLU E 36 21.27 -3.40 19.17
C GLU E 36 19.93 -4.04 18.80
N ILE E 37 19.19 -3.41 17.90
CA ILE E 37 17.78 -3.83 17.61
C ILE E 37 17.87 -5.16 16.88
N ALA E 38 18.81 -5.27 15.96
CA ALA E 38 19.00 -6.51 15.17
C ALA E 38 19.42 -7.65 16.11
N GLN E 39 20.37 -7.38 17.01
CA GLN E 39 20.89 -8.36 17.98
C GLN E 39 19.75 -8.93 18.85
N ASP E 40 18.86 -8.09 19.34
CA ASP E 40 17.61 -8.47 20.06
C ASP E 40 16.70 -9.37 19.19
N PHE E 41 16.79 -9.39 17.86
CA PHE E 41 16.02 -10.34 17.01
C PHE E 41 16.84 -11.59 16.71
N LYS E 42 18.15 -11.43 16.57
CA LYS E 42 19.08 -12.52 16.12
C LYS E 42 20.51 -12.13 16.49
N THR E 43 21.18 -13.01 17.23
CA THR E 43 22.61 -12.84 17.64
C THR E 43 23.49 -13.22 16.47
N ASP E 44 24.75 -12.77 16.46
CA ASP E 44 25.75 -13.22 15.45
C ASP E 44 25.40 -12.67 14.06
N LEU E 45 24.65 -11.57 13.97
CA LEU E 45 24.38 -10.89 12.68
C LEU E 45 25.53 -9.94 12.38
N ARG E 46 25.89 -9.88 11.11
CA ARG E 46 26.77 -8.82 10.56
C ARG E 46 25.92 -8.00 9.59
N PHE E 47 26.46 -6.86 9.18
CA PHE E 47 25.80 -5.92 8.25
C PHE E 47 26.76 -5.51 7.14
N GLN E 48 26.36 -5.65 5.87
CA GLN E 48 26.98 -4.83 4.79
C GLN E 48 26.90 -3.35 5.21
N SER E 49 27.96 -2.58 5.00
CA SER E 49 27.96 -1.16 5.44
C SER E 49 26.82 -0.39 4.73
N SER E 50 26.51 -0.78 3.50
CA SER E 50 25.47 -0.18 2.63
C SER E 50 24.05 -0.47 3.18
N ALA E 51 23.87 -1.58 3.88
CA ALA E 51 22.62 -1.93 4.59
C ALA E 51 22.32 -0.86 5.62
N VAL E 52 23.35 -0.44 6.34
CA VAL E 52 23.16 0.48 7.49
C VAL E 52 22.87 1.87 6.96
N MET E 53 23.59 2.27 5.91
CA MET E 53 23.37 3.56 5.18
C MET E 53 21.96 3.56 4.56
N ALA E 54 21.51 2.43 3.99
CA ALA E 54 20.14 2.28 3.45
C ALA E 54 19.10 2.48 4.56
N LEU E 55 19.32 1.85 5.73
CA LEU E 55 18.44 2.03 6.90
C LEU E 55 18.50 3.49 7.27
N GLN E 56 19.70 4.08 7.31
CA GLN E 56 19.77 5.48 7.80
C GLN E 56 19.03 6.41 6.82
N GLU E 57 19.25 6.25 5.52
CA GLU E 57 18.58 7.08 4.47
C GLU E 57 17.06 6.87 4.59
N ALA E 58 16.60 5.63 4.83
CA ALA E 58 15.14 5.37 4.93
C ALA E 58 14.59 5.99 6.22
N CYS E 59 15.36 6.03 7.33
CA CYS E 59 14.84 6.48 8.66
C CYS E 59 14.68 7.99 8.66
N GLU E 60 15.74 8.67 8.21
CA GLU E 60 15.76 10.16 8.06
C GLU E 60 14.65 10.60 7.10
N ALA E 61 14.46 9.94 5.98
CA ALA E 61 13.42 10.41 5.02
C ALA E 61 12.06 10.25 5.66
N TYR E 62 11.83 9.13 6.35
CA TYR E 62 10.61 8.89 7.15
C TYR E 62 10.47 10.01 8.20
N LEU E 63 11.49 10.28 9.02
CA LEU E 63 11.26 11.25 10.14
C LEU E 63 11.00 12.66 9.58
N VAL E 64 11.75 13.04 8.55
CA VAL E 64 11.54 14.34 7.85
C VAL E 64 10.10 14.38 7.35
N GLY E 65 9.65 13.38 6.61
CA GLY E 65 8.25 13.37 6.13
C GLY E 65 7.29 13.56 7.31
N LEU E 66 7.57 12.87 8.43
CA LEU E 66 6.63 12.83 9.58
C LEU E 66 6.59 14.21 10.21
N PHE E 67 7.75 14.86 10.37
CA PHE E 67 7.79 16.24 10.89
C PHE E 67 7.03 17.19 9.97
N GLU E 68 7.08 17.04 8.64
CA GLU E 68 6.23 17.91 7.78
C GLU E 68 4.77 17.71 8.17
N ASP E 69 4.30 16.45 8.24
CA ASP E 69 2.86 16.17 8.55
C ASP E 69 2.54 16.71 9.95
N THR E 70 3.51 16.63 10.87
CA THR E 70 3.30 17.00 12.29
C THR E 70 3.12 18.52 12.36
N ASN E 71 3.98 19.23 11.64
CA ASN E 71 3.93 20.71 11.48
C ASN E 71 2.55 21.13 10.93
N LEU E 72 2.01 20.40 9.96
CA LEU E 72 0.65 20.75 9.44
C LEU E 72 -0.35 20.57 10.58
N CYS E 73 -0.23 19.50 11.35
CA CYS E 73 -1.09 19.28 12.54
C CYS E 73 -0.95 20.39 13.59
N ALA E 74 0.25 20.84 13.96
CA ALA E 74 0.42 21.99 14.89
C ALA E 74 -0.25 23.26 14.30
N ILE E 75 0.08 23.62 13.06
CA ILE E 75 -0.49 24.81 12.38
C ILE E 75 -2.03 24.70 12.27
N HIS E 76 -2.60 23.51 12.11
CA HIS E 76 -4.07 23.37 12.04
C HIS E 76 -4.72 23.74 13.38
N ALA E 77 -4.00 23.52 14.48
CA ALA E 77 -4.42 23.87 15.84
C ALA E 77 -4.03 25.31 16.19
N LYS E 78 -3.59 26.11 15.20
CA LYS E 78 -3.21 27.53 15.37
C LYS E 78 -1.99 27.67 16.29
N ARG E 79 -1.13 26.65 16.39
CA ARG E 79 0.19 26.80 17.06
C ARG E 79 1.30 26.87 16.00
N VAL E 80 2.55 27.07 16.44
CA VAL E 80 3.78 26.99 15.59
C VAL E 80 4.78 26.04 16.26
N THR E 81 4.41 25.47 17.40
CA THR E 81 5.22 24.52 18.19
C THR E 81 4.67 23.12 18.02
N ILE E 82 5.45 22.20 17.47
CA ILE E 82 5.02 20.78 17.38
C ILE E 82 5.07 20.16 18.79
N MET E 83 4.06 19.35 19.10
CA MET E 83 3.93 18.59 20.36
C MET E 83 3.65 17.13 20.04
N PRO E 84 3.84 16.25 21.04
CA PRO E 84 3.59 14.82 20.83
C PRO E 84 2.21 14.58 20.19
N LYS E 85 1.20 15.34 20.60
CA LYS E 85 -0.18 15.10 20.10
C LYS E 85 -0.24 15.39 18.59
N ASP E 86 0.65 16.21 18.03
CA ASP E 86 0.73 16.46 16.56
C ASP E 86 1.31 15.22 15.86
N ILE E 87 2.42 14.67 16.37
CA ILE E 87 2.99 13.42 15.80
C ILE E 87 1.91 12.31 15.87
N GLN E 88 1.27 12.16 17.03
CA GLN E 88 0.25 11.09 17.28
C GLN E 88 -0.86 11.22 16.24
N LEU E 89 -1.37 12.42 16.01
CA LEU E 89 -2.48 12.66 15.05
C LEU E 89 -2.00 12.38 13.62
N ALA E 90 -0.81 12.85 13.24
CA ALA E 90 -0.18 12.50 11.95
C ALA E 90 -0.17 10.97 11.78
N ARG E 91 0.32 10.24 12.78
CA ARG E 91 0.52 8.77 12.65
C ARG E 91 -0.87 8.09 12.55
N ARG E 92 -1.84 8.57 13.33
CA ARG E 92 -3.22 8.02 13.34
C ARG E 92 -3.77 8.19 11.91
N ILE E 93 -3.70 9.39 11.33
CA ILE E 93 -4.29 9.65 9.99
C ILE E 93 -3.50 8.92 8.91
N ARG E 94 -2.18 8.80 9.02
CA ARG E 94 -1.36 7.99 8.06
C ARG E 94 -1.74 6.50 8.15
N GLY E 95 -2.64 6.14 9.04
CA GLY E 95 -2.94 4.71 9.31
C GLY E 95 -1.71 3.92 9.72
N GLU E 96 -0.72 4.55 10.37
CA GLU E 96 0.42 3.89 11.06
C GLU E 96 -0.06 3.41 12.44
N ARG E 97 -1.28 3.77 12.82
CA ARG E 97 -1.85 3.29 14.11
C ARG E 97 -3.38 3.37 14.06
N ALA E 98 -3.99 2.80 15.11
CA ALA E 98 -5.44 2.81 15.41
C ALA E 98 -5.72 3.88 16.48
N LYS F 1 37.46 -16.54 22.36
CA LYS F 1 37.47 -15.48 21.31
C LYS F 1 37.42 -14.11 22.01
N ARG F 2 36.52 -13.20 21.61
CA ARG F 2 36.44 -11.81 22.17
C ARG F 2 35.04 -11.50 22.71
N HIS F 3 34.01 -12.16 22.17
CA HIS F 3 32.55 -11.87 22.37
C HIS F 3 32.31 -10.35 22.28
N ARG F 4 31.16 -9.98 21.71
CA ARG F 4 30.83 -8.55 21.45
C ARG F 4 30.69 -7.83 22.79
N LYS F 5 31.04 -6.55 22.80
CA LYS F 5 30.68 -5.57 23.86
C LYS F 5 29.15 -5.44 23.92
N VAL F 6 28.60 -5.35 25.12
CA VAL F 6 27.13 -5.26 25.35
C VAL F 6 26.62 -3.92 24.82
N LEU F 7 25.52 -3.99 24.07
CA LEU F 7 24.78 -2.86 23.47
C LEU F 7 23.53 -2.59 24.29
N ARG F 8 23.49 -1.45 24.97
CA ARG F 8 22.33 -0.99 25.74
C ARG F 8 22.17 0.50 25.47
N ASP F 9 20.93 1.00 25.51
CA ASP F 9 20.57 2.43 25.56
C ASP F 9 21.04 3.23 24.32
N ASN F 10 21.21 2.57 23.17
CA ASN F 10 21.77 3.27 21.99
C ASN F 10 20.76 4.26 21.40
N ILE F 11 19.48 4.16 21.75
CA ILE F 11 18.42 5.08 21.28
C ILE F 11 18.83 6.50 21.69
N GLN F 12 19.64 6.66 22.74
CA GLN F 12 19.96 8.00 23.33
C GLN F 12 21.05 8.67 22.48
N GLY F 13 21.63 7.92 21.54
CA GLY F 13 22.59 8.43 20.55
C GLY F 13 21.87 9.23 19.48
N ILE F 14 20.54 9.05 19.37
CA ILE F 14 19.65 9.97 18.63
C ILE F 14 19.42 11.17 19.55
N THR F 15 20.34 12.13 19.46
CA THR F 15 20.47 13.32 20.34
C THR F 15 19.44 14.37 19.99
N LYS F 16 19.21 15.29 20.92
CA LYS F 16 18.21 16.37 20.80
C LYS F 16 18.56 17.18 19.56
N PRO F 17 19.83 17.60 19.42
CA PRO F 17 20.26 18.32 18.24
C PRO F 17 20.03 17.59 16.90
N ALA F 18 20.19 16.28 16.86
CA ALA F 18 19.98 15.52 15.61
C ALA F 18 18.49 15.56 15.27
N ILE F 19 17.62 15.52 16.28
CA ILE F 19 16.15 15.55 16.05
C ILE F 19 15.76 16.96 15.62
N ARG F 20 16.42 18.00 16.11
CA ARG F 20 16.10 19.40 15.75
C ARG F 20 16.39 19.58 14.27
N ARG F 21 17.54 19.07 13.85
CA ARG F 21 17.97 19.12 12.46
C ARG F 21 16.94 18.40 11.60
N LEU F 22 16.56 17.18 11.95
CA LEU F 22 15.55 16.49 11.11
C LEU F 22 14.27 17.33 11.06
N ALA F 23 13.88 17.97 12.17
CA ALA F 23 12.59 18.72 12.23
C ALA F 23 12.71 19.93 11.28
N ARG F 24 13.90 20.52 11.22
CA ARG F 24 14.19 21.71 10.38
C ARG F 24 14.05 21.33 8.92
N ARG F 25 14.69 20.26 8.50
CA ARG F 25 14.51 19.78 7.11
C ARG F 25 13.00 19.63 6.84
N GLY F 26 12.21 19.29 7.86
CA GLY F 26 10.77 19.02 7.69
C GLY F 26 9.98 20.28 7.89
N GLY F 27 10.68 21.40 8.12
CA GLY F 27 10.08 22.77 8.08
C GLY F 27 9.58 23.27 9.42
N VAL F 28 10.04 22.65 10.50
CA VAL F 28 9.52 22.96 11.87
C VAL F 28 10.30 24.14 12.45
N LYS F 29 9.60 25.10 13.05
CA LYS F 29 10.19 26.35 13.58
C LYS F 29 10.34 26.30 15.10
N ARG F 30 9.37 25.73 15.82
CA ARG F 30 9.39 25.60 17.31
C ARG F 30 9.02 24.18 17.74
N ILE F 31 9.69 23.69 18.78
CA ILE F 31 9.68 22.26 19.23
C ILE F 31 9.49 22.18 20.73
N SER F 32 8.35 21.62 21.18
CA SER F 32 8.10 21.20 22.60
C SER F 32 9.23 20.28 23.10
N GLY F 33 9.60 20.41 24.38
CA GLY F 33 10.65 19.58 25.00
C GLY F 33 10.32 18.10 25.02
N LEU F 34 9.03 17.73 24.93
CA LEU F 34 8.54 16.33 24.95
C LEU F 34 8.74 15.63 23.58
N ILE F 35 9.05 16.39 22.55
CA ILE F 35 9.11 15.88 21.14
C ILE F 35 10.26 14.89 21.04
N TYR F 36 11.37 15.15 21.72
CA TYR F 36 12.60 14.31 21.55
C TYR F 36 12.30 12.85 21.92
N GLU F 37 11.74 12.60 23.10
CA GLU F 37 11.41 11.22 23.57
C GLU F 37 10.35 10.60 22.63
N GLU F 38 9.39 11.40 22.16
CA GLU F 38 8.31 10.88 21.30
C GLU F 38 8.94 10.46 19.97
N THR F 39 9.95 11.20 19.49
CA THR F 39 10.61 10.90 18.20
C THR F 39 11.43 9.62 18.34
N ARG F 40 12.21 9.50 19.41
CA ARG F 40 12.95 8.21 19.70
C ARG F 40 11.97 7.01 19.68
N GLY F 41 10.81 7.14 20.30
CA GLY F 41 9.87 5.99 20.33
C GLY F 41 9.41 5.62 18.93
N VAL F 42 9.02 6.63 18.14
CA VAL F 42 8.51 6.45 16.75
C VAL F 42 9.64 5.86 15.91
N LEU F 43 10.87 6.38 16.07
CA LEU F 43 12.05 5.85 15.32
C LEU F 43 12.30 4.39 15.68
N LYS F 44 12.30 4.00 16.97
CA LYS F 44 12.58 2.59 17.39
C LYS F 44 11.58 1.71 16.66
N VAL F 45 10.30 2.10 16.70
CA VAL F 45 9.19 1.28 16.14
C VAL F 45 9.50 1.09 14.66
N PHE F 46 9.90 2.17 13.99
CA PHE F 46 10.14 2.14 12.53
C PHE F 46 11.32 1.23 12.21
N LEU F 47 12.47 1.43 12.87
CA LEU F 47 13.65 0.52 12.70
C LEU F 47 13.29 -0.95 13.06
N GLU F 48 12.66 -1.20 14.19
CA GLU F 48 12.34 -2.59 14.59
C GLU F 48 11.57 -3.24 13.43
N ASN F 49 10.56 -2.55 12.89
CA ASN F 49 9.73 -3.11 11.79
C ASN F 49 10.59 -3.41 10.56
N VAL F 50 11.48 -2.52 10.18
CA VAL F 50 12.23 -2.68 8.91
C VAL F 50 13.28 -3.76 9.15
N ILE F 51 14.04 -3.66 10.24
CA ILE F 51 15.03 -4.73 10.60
C ILE F 51 14.36 -6.12 10.75
N ARG F 52 13.18 -6.23 11.38
CA ARG F 52 12.55 -7.55 11.59
C ARG F 52 12.35 -8.17 10.20
N ASP F 53 11.92 -7.36 9.23
CA ASP F 53 11.66 -7.87 7.86
C ASP F 53 13.01 -8.15 7.17
N ALA F 54 14.00 -7.26 7.29
CA ALA F 54 15.32 -7.47 6.66
C ALA F 54 15.90 -8.77 7.19
N VAL F 55 16.00 -8.93 8.51
CA VAL F 55 16.58 -10.15 9.13
C VAL F 55 15.76 -11.36 8.70
N THR F 56 14.44 -11.26 8.58
CA THR F 56 13.64 -12.42 8.09
C THR F 56 14.13 -12.85 6.71
N TYR F 57 14.49 -11.90 5.83
CA TYR F 57 15.00 -12.23 4.48
C TYR F 57 16.38 -12.85 4.64
N THR F 58 17.24 -12.24 5.45
CA THR F 58 18.59 -12.78 5.78
C THR F 58 18.46 -14.25 6.20
N GLU F 59 17.52 -14.57 7.09
CA GLU F 59 17.44 -15.94 7.69
C GLU F 59 16.93 -16.87 6.60
N HIS F 60 16.00 -16.41 5.76
CA HIS F 60 15.40 -17.28 4.72
C HIS F 60 16.47 -17.68 3.73
N ALA F 61 17.41 -16.77 3.47
CA ALA F 61 18.58 -16.95 2.59
C ALA F 61 19.66 -17.82 3.26
N LYS F 62 19.49 -18.20 4.54
CA LYS F 62 20.50 -18.95 5.33
C LYS F 62 21.82 -18.18 5.33
N ARG F 63 21.77 -16.85 5.49
CA ARG F 63 22.97 -16.00 5.66
C ARG F 63 23.02 -15.49 7.09
N LYS F 64 24.20 -15.02 7.49
CA LYS F 64 24.48 -14.38 8.80
C LYS F 64 24.70 -12.87 8.59
N THR F 65 24.71 -12.42 7.34
CA THR F 65 25.03 -11.02 6.97
C THR F 65 23.78 -10.34 6.39
N VAL F 66 23.36 -9.24 6.98
CA VAL F 66 22.22 -8.45 6.43
C VAL F 66 22.77 -7.60 5.29
N THR F 67 22.28 -7.84 4.07
CA THR F 67 22.68 -7.09 2.85
C THR F 67 21.79 -5.86 2.64
N ALA F 68 22.35 -4.84 2.02
CA ALA F 68 21.57 -3.74 1.40
C ALA F 68 20.28 -4.26 0.76
N MET F 69 20.33 -5.34 -0.02
CA MET F 69 19.13 -5.88 -0.70
C MET F 69 18.08 -6.35 0.29
N ASP F 70 18.49 -6.97 1.40
CA ASP F 70 17.55 -7.39 2.46
C ASP F 70 16.79 -6.16 2.97
N VAL F 71 17.52 -5.09 3.28
CA VAL F 71 16.91 -3.80 3.75
C VAL F 71 15.98 -3.23 2.67
N VAL F 72 16.46 -3.16 1.42
CA VAL F 72 15.66 -2.65 0.27
C VAL F 72 14.37 -3.47 0.11
N TYR F 73 14.42 -4.80 0.24
CA TYR F 73 13.19 -5.65 0.13
C TYR F 73 12.27 -5.37 1.32
N ALA F 74 12.82 -5.17 2.52
CA ALA F 74 12.02 -4.88 3.73
C ALA F 74 11.35 -3.51 3.56
N LEU F 75 12.13 -2.48 3.23
CA LEU F 75 11.52 -1.15 2.91
C LEU F 75 10.42 -1.29 1.83
N LYS F 76 10.62 -2.05 0.75
CA LYS F 76 9.55 -2.15 -0.31
C LYS F 76 8.27 -2.73 0.31
N ARG F 77 8.36 -3.85 1.02
CA ARG F 77 7.23 -4.54 1.71
C ARG F 77 6.42 -3.53 2.54
N GLN F 78 7.15 -2.70 3.29
CA GLN F 78 6.66 -1.71 4.27
C GLN F 78 6.05 -0.50 3.54
N GLY F 79 6.07 -0.45 2.20
CA GLY F 79 5.65 0.69 1.37
C GLY F 79 6.51 1.94 1.59
N ARG F 80 7.83 1.76 1.74
CA ARG F 80 8.83 2.83 1.94
C ARG F 80 9.96 2.54 0.96
N THR F 81 9.60 2.24 -0.27
CA THR F 81 10.53 1.94 -1.40
C THR F 81 11.63 2.97 -1.45
N LEU F 82 12.87 2.50 -1.51
CA LEU F 82 14.11 3.31 -1.45
C LEU F 82 14.85 3.09 -2.76
N TYR F 83 15.23 4.14 -3.49
CA TYR F 83 16.15 4.07 -4.64
C TYR F 83 17.56 4.40 -4.18
N GLY F 84 18.56 3.72 -4.74
CA GLY F 84 19.98 4.09 -4.59
C GLY F 84 20.87 3.00 -4.00
N PHE F 85 20.33 1.79 -3.75
CA PHE F 85 21.05 0.70 -3.03
C PHE F 85 20.76 -0.67 -3.67
N GLY F 86 20.32 -0.69 -4.94
CA GLY F 86 20.14 -1.92 -5.75
C GLY F 86 18.67 -2.28 -5.89
N GLY F 87 18.36 -3.39 -6.56
CA GLY F 87 16.99 -3.78 -6.96
C GLY F 87 16.38 -2.78 -7.94
N LYS G 1 -9.24 -46.68 -3.36
CA LYS G 1 -7.75 -46.64 -3.38
C LYS G 1 -7.26 -45.19 -3.24
N ALA G 2 -8.06 -44.21 -3.69
CA ALA G 2 -7.72 -42.77 -3.71
C ALA G 2 -8.12 -42.10 -2.38
N LYS G 3 -7.18 -41.35 -1.80
CA LYS G 3 -7.35 -40.55 -0.56
C LYS G 3 -6.89 -39.13 -0.87
N THR G 4 -7.77 -38.13 -0.67
CA THR G 4 -7.51 -36.68 -0.91
C THR G 4 -6.27 -36.25 -0.11
N ARG G 5 -5.41 -35.43 -0.71
CA ARG G 5 -4.21 -34.86 -0.03
C ARG G 5 -4.65 -34.13 1.23
N SER G 6 -5.86 -33.54 1.19
CA SER G 6 -6.52 -32.90 2.36
C SER G 6 -6.69 -33.93 3.50
N SER G 7 -7.35 -35.07 3.23
CA SER G 7 -7.67 -36.10 4.27
C SER G 7 -6.38 -36.61 4.90
N ARG G 8 -5.29 -36.72 4.12
CA ARG G 8 -3.96 -37.12 4.63
C ARG G 8 -3.38 -36.06 5.57
N ALA G 9 -3.58 -34.78 5.24
CA ALA G 9 -2.96 -33.62 5.94
C ALA G 9 -3.81 -33.21 7.15
N GLY G 10 -5.05 -33.69 7.22
CA GLY G 10 -5.94 -33.48 8.37
C GLY G 10 -6.74 -32.19 8.23
N LEU G 11 -7.06 -31.83 6.98
CA LEU G 11 -7.59 -30.48 6.62
C LEU G 11 -8.94 -30.60 5.90
N GLN G 12 -9.80 -29.61 6.14
CA GLN G 12 -11.09 -29.35 5.45
C GLN G 12 -10.86 -28.58 4.15
N PHE G 13 -9.76 -27.84 4.04
CA PHE G 13 -9.46 -26.98 2.86
C PHE G 13 -8.79 -27.82 1.79
N PRO G 14 -9.10 -27.55 0.51
CA PRO G 14 -8.71 -28.42 -0.60
C PRO G 14 -7.24 -28.27 -1.02
N VAL G 15 -6.40 -29.21 -0.61
CA VAL G 15 -4.93 -29.15 -0.88
C VAL G 15 -4.72 -29.21 -2.38
N GLY G 16 -5.57 -29.95 -3.10
CA GLY G 16 -5.43 -30.17 -4.55
C GLY G 16 -5.73 -28.89 -5.31
N ARG G 17 -6.84 -28.25 -4.99
CA ARG G 17 -7.21 -26.95 -5.61
C ARG G 17 -6.12 -25.91 -5.34
N VAL G 18 -5.63 -25.80 -4.10
CA VAL G 18 -4.57 -24.81 -3.74
C VAL G 18 -3.34 -25.10 -4.61
N HIS G 19 -2.98 -26.37 -4.78
CA HIS G 19 -1.80 -26.78 -5.60
C HIS G 19 -1.98 -26.22 -7.01
N ARG G 20 -3.17 -26.40 -7.57
CA ARG G 20 -3.48 -25.99 -8.97
C ARG G 20 -3.43 -24.45 -9.05
N LEU G 21 -4.10 -23.75 -8.14
CA LEU G 21 -4.15 -22.25 -8.09
C LEU G 21 -2.72 -21.68 -7.98
N LEU G 22 -1.82 -22.36 -7.28
CA LEU G 22 -0.37 -22.02 -7.26
C LEU G 22 0.26 -22.24 -8.64
N ARG G 23 -0.12 -23.31 -9.36
CA ARG G 23 0.41 -23.60 -10.73
C ARG G 23 -0.11 -22.53 -11.70
N LYS G 24 -1.43 -22.36 -11.80
CA LYS G 24 -2.09 -21.52 -12.84
C LYS G 24 -1.85 -20.03 -12.53
N GLY G 25 -1.07 -19.73 -11.48
CA GLY G 25 -0.90 -18.37 -10.90
C GLY G 25 0.43 -17.72 -11.29
N ASN G 26 1.38 -18.45 -11.88
CA ASN G 26 2.68 -17.92 -12.33
C ASN G 26 3.42 -17.30 -11.13
N TYR G 27 3.50 -18.04 -10.04
CA TYR G 27 4.23 -17.65 -8.81
C TYR G 27 5.67 -18.16 -8.95
N SER G 28 5.82 -19.37 -9.47
CA SER G 28 7.14 -20.01 -9.71
C SER G 28 6.99 -21.09 -10.78
N GLU G 29 8.10 -21.47 -11.42
CA GLU G 29 8.15 -22.62 -12.36
C GLU G 29 7.65 -23.89 -11.66
N ARG G 30 8.12 -24.18 -10.44
CA ARG G 30 7.88 -25.46 -9.71
C ARG G 30 7.30 -25.18 -8.32
N VAL G 31 6.70 -26.22 -7.72
CA VAL G 31 5.92 -26.15 -6.46
C VAL G 31 6.20 -27.39 -5.62
N GLY G 32 7.06 -27.26 -4.60
CA GLY G 32 7.28 -28.26 -3.53
C GLY G 32 5.98 -28.91 -3.08
N ALA G 33 6.06 -30.19 -2.65
CA ALA G 33 4.92 -31.04 -2.26
C ALA G 33 4.19 -30.42 -1.05
N GLY G 34 4.95 -29.87 -0.09
CA GLY G 34 4.40 -29.33 1.17
C GLY G 34 3.66 -28.00 0.99
N ALA G 35 4.22 -27.12 0.16
CA ALA G 35 3.77 -25.72 -0.03
C ALA G 35 2.25 -25.61 -0.08
N PRO G 36 1.51 -26.38 -0.89
CA PRO G 36 0.04 -26.32 -0.87
C PRO G 36 -0.65 -26.89 0.38
N VAL G 37 0.03 -27.78 1.10
CA VAL G 37 -0.47 -28.34 2.39
C VAL G 37 -0.47 -27.19 3.40
N TYR G 38 0.72 -26.60 3.61
CA TYR G 38 0.98 -25.45 4.52
C TYR G 38 -0.02 -24.32 4.21
N LEU G 39 -0.07 -23.93 2.95
CA LEU G 39 -0.89 -22.79 2.50
C LEU G 39 -2.35 -23.05 2.85
N ALA G 40 -2.83 -24.26 2.58
CA ALA G 40 -4.23 -24.65 2.81
C ALA G 40 -4.52 -24.68 4.31
N ALA G 41 -3.54 -25.09 5.13
CA ALA G 41 -3.65 -25.13 6.60
C ALA G 41 -3.74 -23.68 7.10
N VAL G 42 -2.84 -22.81 6.63
CA VAL G 42 -2.82 -21.37 7.02
C VAL G 42 -4.19 -20.74 6.74
N LEU G 43 -4.75 -20.99 5.55
CA LEU G 43 -6.03 -20.40 5.11
C LEU G 43 -7.16 -20.96 5.97
N GLU G 44 -7.07 -22.24 6.35
CA GLU G 44 -8.10 -22.90 7.20
C GLU G 44 -8.05 -22.30 8.61
N TYR G 45 -6.83 -22.24 9.19
CA TYR G 45 -6.60 -21.57 10.49
C TYR G 45 -7.28 -20.20 10.46
N LEU G 46 -6.90 -19.34 9.51
CA LEU G 46 -7.34 -17.91 9.55
C LEU G 46 -8.86 -17.88 9.40
N THR G 47 -9.42 -18.76 8.57
CA THR G 47 -10.89 -18.93 8.42
C THR G 47 -11.52 -19.31 9.75
N ALA G 48 -10.94 -20.27 10.47
CA ALA G 48 -11.47 -20.72 11.78
C ALA G 48 -11.45 -19.55 12.76
N GLU G 49 -10.30 -18.91 12.93
CA GLU G 49 -10.18 -17.72 13.78
C GLU G 49 -11.36 -16.78 13.50
N ILE G 50 -11.58 -16.38 12.25
CA ILE G 50 -12.58 -15.33 11.91
C ILE G 50 -13.98 -15.88 12.20
N LEU G 51 -14.25 -17.15 11.88
CA LEU G 51 -15.60 -17.75 12.08
C LEU G 51 -15.86 -17.97 13.57
N GLU G 52 -14.83 -18.32 14.34
CA GLU G 52 -14.88 -18.30 15.83
C GLU G 52 -15.45 -16.95 16.30
N LEU G 53 -14.70 -15.87 16.05
CA LEU G 53 -14.98 -14.55 16.68
C LEU G 53 -16.28 -13.98 16.10
N ALA G 54 -16.59 -14.31 14.85
CA ALA G 54 -17.83 -13.86 14.18
C ALA G 54 -19.03 -14.62 14.77
N GLY G 55 -18.87 -15.93 14.98
CA GLY G 55 -19.83 -16.73 15.75
C GLY G 55 -20.14 -16.08 17.08
N ASN G 56 -19.12 -15.71 17.84
CA ASN G 56 -19.30 -15.09 19.17
C ASN G 56 -20.16 -13.83 18.99
N ALA G 57 -19.86 -13.03 17.97
CA ALA G 57 -20.51 -11.71 17.75
C ALA G 57 -21.97 -11.96 17.36
N ALA G 58 -22.18 -13.02 16.57
CA ALA G 58 -23.53 -13.45 16.17
C ALA G 58 -24.33 -13.83 17.42
N ARG G 59 -23.87 -14.82 18.18
CA ARG G 59 -24.47 -15.20 19.49
C ARG G 59 -24.78 -13.95 20.35
N ASP G 60 -23.85 -12.99 20.49
CA ASP G 60 -24.02 -11.81 21.38
C ASP G 60 -25.21 -10.94 20.93
N ASN G 61 -25.55 -10.91 19.63
CA ASN G 61 -26.72 -10.16 19.09
C ASN G 61 -27.94 -11.10 19.04
N LYS G 62 -27.97 -12.14 19.88
CA LYS G 62 -29.09 -13.10 20.00
C LYS G 62 -29.39 -13.69 18.61
N LYS G 63 -28.35 -14.04 17.86
CA LYS G 63 -28.45 -14.47 16.44
C LYS G 63 -27.72 -15.80 16.22
N THR G 64 -28.20 -16.60 15.27
CA THR G 64 -27.62 -17.95 14.97
C THR G 64 -27.08 -18.01 13.55
N ARG G 65 -27.30 -16.94 12.75
CA ARG G 65 -26.75 -16.83 11.37
C ARG G 65 -25.73 -15.68 11.27
N ILE G 66 -24.47 -16.00 11.00
CA ILE G 66 -23.38 -15.00 10.77
C ILE G 66 -23.74 -14.08 9.57
N ILE G 67 -23.69 -12.76 9.76
CA ILE G 67 -23.81 -11.77 8.65
C ILE G 67 -22.56 -10.88 8.62
N PRO G 68 -22.40 -10.11 7.54
CA PRO G 68 -21.24 -9.24 7.37
C PRO G 68 -21.00 -8.35 8.59
N ARG G 69 -22.06 -7.86 9.21
CA ARG G 69 -21.94 -7.02 10.44
C ARG G 69 -21.16 -7.79 11.50
N HIS G 70 -21.45 -9.09 11.65
CA HIS G 70 -20.80 -9.96 12.65
C HIS G 70 -19.33 -10.14 12.25
N LEU G 71 -19.04 -10.19 10.93
CA LEU G 71 -17.64 -10.36 10.46
C LEU G 71 -16.87 -9.07 10.79
N GLN G 72 -17.46 -7.90 10.52
CA GLN G 72 -16.81 -6.60 10.75
C GLN G 72 -16.54 -6.45 12.25
N LEU G 73 -17.47 -6.84 13.11
CA LEU G 73 -17.31 -6.67 14.58
C LEU G 73 -16.18 -7.54 15.09
N ALA G 74 -16.11 -8.78 14.61
CA ALA G 74 -15.07 -9.76 14.99
C ALA G 74 -13.69 -9.22 14.64
N ILE G 75 -13.57 -8.72 13.41
CA ILE G 75 -12.29 -8.29 12.81
C ILE G 75 -11.82 -7.00 13.49
N ARG G 76 -12.69 -6.01 13.60
CA ARG G 76 -12.26 -4.66 14.03
C ARG G 76 -12.06 -4.71 15.55
N ASN G 77 -12.72 -5.65 16.25
CA ASN G 77 -12.52 -5.80 17.71
C ASN G 77 -11.30 -6.67 18.04
N ASP G 78 -10.51 -7.11 17.07
CA ASP G 78 -9.32 -7.98 17.33
C ASP G 78 -8.09 -7.25 16.77
N GLU G 79 -7.15 -6.86 17.64
CA GLU G 79 -5.98 -6.02 17.25
C GLU G 79 -5.36 -6.63 15.98
N GLU G 80 -5.18 -7.95 15.94
CA GLU G 80 -4.34 -8.65 14.92
C GLU G 80 -5.09 -8.78 13.58
N LEU G 81 -6.32 -9.28 13.62
CA LEU G 81 -7.17 -9.34 12.42
C LEU G 81 -7.39 -7.95 11.84
N ASN G 82 -7.61 -6.94 12.70
CA ASN G 82 -7.79 -5.54 12.29
C ASN G 82 -6.54 -5.06 11.54
N LYS G 83 -5.33 -5.43 11.98
CA LYS G 83 -4.07 -5.00 11.31
C LYS G 83 -3.99 -5.72 9.97
N LEU G 84 -4.20 -7.05 9.98
CA LEU G 84 -4.10 -7.88 8.75
C LEU G 84 -5.01 -7.35 7.65
N LEU G 85 -6.16 -6.78 8.03
CA LEU G 85 -7.27 -6.33 7.14
C LEU G 85 -7.46 -4.81 7.21
N GLY G 86 -6.43 -4.06 7.65
CA GLY G 86 -6.46 -2.59 7.79
C GLY G 86 -6.89 -1.85 6.53
N ARG G 87 -6.54 -2.36 5.33
CA ARG G 87 -6.79 -1.68 4.02
C ARG G 87 -7.88 -2.44 3.25
N VAL G 88 -8.89 -2.94 3.97
CA VAL G 88 -9.95 -3.83 3.39
C VAL G 88 -11.33 -3.34 3.84
N THR G 89 -12.30 -3.34 2.96
CA THR G 89 -13.69 -2.92 3.28
C THR G 89 -14.57 -4.15 3.22
N ILE G 90 -15.12 -4.52 4.36
CA ILE G 90 -16.19 -5.56 4.44
C ILE G 90 -17.51 -4.92 4.01
N ALA G 91 -18.00 -5.23 2.82
CA ALA G 91 -19.29 -4.68 2.35
C ALA G 91 -20.36 -5.02 3.39
N GLN G 92 -21.22 -4.06 3.71
CA GLN G 92 -22.39 -4.23 4.61
C GLN G 92 -21.89 -4.53 6.03
N GLY G 93 -20.70 -4.03 6.38
CA GLY G 93 -20.09 -4.26 7.70
C GLY G 93 -20.38 -3.16 8.68
N GLY G 94 -20.71 -1.96 8.18
CA GLY G 94 -20.74 -0.72 8.96
C GLY G 94 -19.45 -0.50 9.74
N VAL G 95 -19.54 0.19 10.89
CA VAL G 95 -18.40 0.56 11.75
C VAL G 95 -18.68 0.19 13.21
N LEU G 96 -17.64 0.27 14.04
CA LEU G 96 -17.77 0.09 15.51
C LEU G 96 -18.42 1.34 16.10
N PRO G 97 -19.34 1.16 17.08
CA PRO G 97 -19.82 2.26 17.90
C PRO G 97 -18.62 2.94 18.57
N ASN G 98 -18.44 4.22 18.27
CA ASN G 98 -17.30 5.05 18.71
C ASN G 98 -17.77 6.49 18.65
N ILE G 99 -17.95 7.11 19.81
CA ILE G 99 -18.23 8.55 19.94
C ILE G 99 -17.05 9.14 20.72
N GLN G 100 -16.31 10.06 20.10
CA GLN G 100 -15.20 10.78 20.77
C GLN G 100 -15.75 11.38 22.06
N ALA G 101 -15.04 11.22 23.17
CA ALA G 101 -15.46 11.60 24.54
C ALA G 101 -15.91 13.06 24.60
N VAL G 102 -15.22 13.97 23.90
CA VAL G 102 -15.48 15.44 23.99
C VAL G 102 -16.83 15.80 23.36
N LEU G 103 -17.44 14.86 22.64
CA LEU G 103 -18.75 15.08 21.94
C LEU G 103 -19.92 14.67 22.84
N LEU G 104 -19.64 14.05 24.00
CA LEU G 104 -20.70 13.67 24.97
C LEU G 104 -21.23 14.91 25.69
N PRO G 105 -22.55 14.97 25.97
CA PRO G 105 -23.16 16.15 26.55
C PRO G 105 -22.69 16.29 28.01
N LYS G 106 -22.88 17.48 28.60
CA LYS G 106 -22.22 17.92 29.86
C LYS G 106 -22.95 17.36 31.09
N LYS G 107 -24.29 17.33 31.10
CA LYS G 107 -25.11 16.67 32.16
C LYS G 107 -26.57 16.57 31.70
N ARG H 1 -23.73 -21.62 -17.80
CA ARG H 1 -23.96 -22.94 -17.13
C ARG H 1 -22.60 -23.61 -16.82
N SER H 2 -21.51 -22.84 -16.70
CA SER H 2 -20.16 -23.39 -16.45
C SER H 2 -19.78 -23.24 -14.97
N ARG H 3 -18.79 -24.03 -14.53
CA ARG H 3 -18.45 -24.20 -13.10
C ARG H 3 -17.81 -22.90 -12.60
N LYS H 4 -18.44 -22.30 -11.58
CA LYS H 4 -17.92 -21.10 -10.86
C LYS H 4 -17.41 -21.55 -9.47
N GLU H 5 -16.12 -21.85 -9.36
CA GLU H 5 -15.49 -22.35 -8.10
C GLU H 5 -15.51 -21.29 -6.99
N SER H 6 -15.51 -21.75 -5.75
CA SER H 6 -15.39 -20.92 -4.52
C SER H 6 -14.85 -21.80 -3.39
N TYR H 7 -14.61 -21.21 -2.22
CA TYR H 7 -14.15 -21.92 -0.99
C TYR H 7 -15.37 -22.17 -0.07
N SER H 8 -16.61 -21.93 -0.53
CA SER H 8 -17.86 -21.98 0.30
C SER H 8 -17.99 -23.28 1.11
N VAL H 9 -17.77 -24.41 0.45
CA VAL H 9 -17.90 -25.78 1.02
C VAL H 9 -16.95 -25.90 2.20
N TYR H 10 -15.75 -25.34 2.09
CA TYR H 10 -14.68 -25.45 3.12
C TYR H 10 -14.96 -24.49 4.27
N VAL H 11 -15.38 -23.26 3.93
CA VAL H 11 -15.73 -22.25 4.96
C VAL H 11 -16.89 -22.84 5.79
N TYR H 12 -17.81 -23.53 5.13
CA TYR H 12 -19.02 -24.08 5.80
C TYR H 12 -18.62 -25.23 6.74
N LYS H 13 -17.69 -26.08 6.31
CA LYS H 13 -17.16 -27.16 7.17
C LYS H 13 -16.49 -26.53 8.39
N VAL H 14 -15.53 -25.61 8.20
CA VAL H 14 -14.78 -25.00 9.33
C VAL H 14 -15.78 -24.29 10.25
N LEU H 15 -16.85 -23.71 9.71
CA LEU H 15 -17.92 -23.06 10.54
C LEU H 15 -18.54 -24.10 11.47
N LYS H 16 -18.82 -25.29 10.94
CA LYS H 16 -19.51 -26.38 11.68
C LYS H 16 -18.60 -26.93 12.78
N GLN H 17 -17.30 -27.06 12.54
CA GLN H 17 -16.30 -27.44 13.58
C GLN H 17 -16.31 -26.42 14.72
N VAL H 18 -16.38 -25.14 14.35
CA VAL H 18 -16.11 -24.03 15.30
C VAL H 18 -17.43 -23.66 15.99
N HIS H 19 -18.52 -23.54 15.23
CA HIS H 19 -19.85 -23.13 15.76
C HIS H 19 -20.91 -24.04 15.15
N PRO H 20 -21.11 -25.24 15.75
CA PRO H 20 -21.92 -26.30 15.13
C PRO H 20 -23.37 -25.85 14.94
N ASP H 21 -23.89 -24.98 15.80
CA ASP H 21 -25.32 -24.57 15.74
C ASP H 21 -25.47 -23.34 14.84
N THR H 22 -24.36 -22.79 14.34
CA THR H 22 -24.33 -21.44 13.74
C THR H 22 -24.36 -21.54 12.21
N GLY H 23 -25.23 -20.75 11.57
CA GLY H 23 -25.31 -20.61 10.10
C GLY H 23 -24.58 -19.38 9.58
N ILE H 24 -24.70 -19.08 8.29
CA ILE H 24 -23.94 -17.98 7.60
C ILE H 24 -24.73 -17.52 6.38
N SER H 25 -24.86 -16.21 6.21
CA SER H 25 -25.60 -15.58 5.09
C SER H 25 -24.80 -15.71 3.80
N SER H 26 -25.46 -15.40 2.69
CA SER H 26 -24.86 -15.45 1.35
C SER H 26 -23.80 -14.37 1.26
N LYS H 27 -24.12 -13.17 1.75
CA LYS H 27 -23.22 -11.99 1.73
C LYS H 27 -21.99 -12.26 2.62
N ALA H 28 -22.22 -12.77 3.84
CA ALA H 28 -21.13 -13.19 4.74
C ALA H 28 -20.22 -14.20 4.01
N MET H 29 -20.79 -15.18 3.31
CA MET H 29 -19.98 -16.21 2.58
C MET H 29 -19.16 -15.55 1.47
N GLY H 30 -19.69 -14.51 0.81
CA GLY H 30 -18.98 -13.73 -0.22
C GLY H 30 -17.76 -13.01 0.36
N ILE H 31 -17.92 -12.47 1.55
CA ILE H 31 -16.80 -11.82 2.28
C ILE H 31 -15.73 -12.84 2.64
N MET H 32 -16.10 -14.04 3.10
CA MET H 32 -15.15 -15.12 3.46
C MET H 32 -14.42 -15.61 2.21
N ASN H 33 -15.12 -15.69 1.08
CA ASN H 33 -14.46 -16.00 -0.22
C ASN H 33 -13.41 -14.94 -0.54
N SER H 34 -13.81 -13.68 -0.57
CA SER H 34 -12.89 -12.52 -0.77
C SER H 34 -11.68 -12.69 0.16
N PHE H 35 -11.93 -13.02 1.43
CA PHE H 35 -10.88 -13.15 2.46
C PHE H 35 -9.81 -14.17 2.02
N VAL H 36 -10.25 -15.40 1.72
CA VAL H 36 -9.34 -16.53 1.38
C VAL H 36 -8.52 -16.14 0.14
N ASN H 37 -9.21 -15.61 -0.88
CA ASN H 37 -8.56 -15.27 -2.17
C ASN H 37 -7.48 -14.23 -1.90
N ASP H 38 -7.77 -13.24 -1.03
CA ASP H 38 -6.87 -12.12 -0.68
C ASP H 38 -5.64 -12.70 0.02
N ILE H 39 -5.83 -13.46 1.09
CA ILE H 39 -4.67 -14.00 1.86
C ILE H 39 -3.92 -14.96 0.95
N PHE H 40 -4.62 -15.77 0.15
CA PHE H 40 -3.98 -16.61 -0.89
C PHE H 40 -2.98 -15.76 -1.70
N GLU H 41 -3.46 -14.66 -2.34
CA GLU H 41 -2.64 -13.80 -3.24
C GLU H 41 -1.49 -13.19 -2.44
N ARG H 42 -1.74 -12.67 -1.23
CA ARG H 42 -0.65 -12.03 -0.44
C ARG H 42 0.46 -13.03 -0.17
N ILE H 43 0.11 -14.22 0.32
CA ILE H 43 1.10 -15.26 0.71
C ILE H 43 1.79 -15.80 -0.55
N ALA H 44 1.06 -16.23 -1.58
CA ALA H 44 1.68 -16.73 -2.84
C ALA H 44 2.64 -15.65 -3.36
N GLY H 45 2.17 -14.41 -3.29
CA GLY H 45 2.87 -13.22 -3.77
C GLY H 45 4.23 -13.07 -3.10
N GLU H 46 4.26 -13.10 -1.78
CA GLU H 46 5.51 -12.97 -1.01
C GLU H 46 6.39 -14.18 -1.33
N ALA H 47 5.81 -15.38 -1.44
CA ALA H 47 6.55 -16.64 -1.68
C ALA H 47 7.29 -16.50 -3.01
N SER H 48 6.55 -16.08 -4.03
CA SER H 48 7.06 -15.84 -5.40
C SER H 48 8.27 -14.90 -5.34
N ARG H 49 8.12 -13.76 -4.67
CA ARG H 49 9.22 -12.79 -4.48
C ARG H 49 10.38 -13.48 -3.75
N LEU H 50 10.13 -14.10 -2.60
CA LEU H 50 11.20 -14.81 -1.83
C LEU H 50 11.98 -15.72 -2.79
N ALA H 51 11.30 -16.61 -3.50
CA ALA H 51 11.95 -17.55 -4.44
C ALA H 51 12.79 -16.77 -5.47
N HIS H 52 12.17 -15.81 -6.17
CA HIS H 52 12.89 -14.94 -7.13
C HIS H 52 14.12 -14.31 -6.45
N TYR H 53 14.01 -13.79 -5.22
CA TYR H 53 15.16 -13.09 -4.58
C TYR H 53 16.31 -14.08 -4.42
N ASN H 54 16.01 -15.34 -4.11
CA ASN H 54 17.01 -16.39 -3.82
C ASN H 54 17.33 -17.22 -5.07
N LYS H 55 16.95 -16.74 -6.25
CA LYS H 55 17.26 -17.35 -7.58
C LYS H 55 16.87 -18.82 -7.55
N ARG H 56 15.63 -19.09 -7.11
CA ARG H 56 15.05 -20.45 -7.01
C ARG H 56 13.82 -20.52 -7.90
N SER H 57 13.62 -21.69 -8.48
CA SER H 57 12.54 -22.01 -9.44
C SER H 57 11.36 -22.57 -8.67
N THR H 58 11.52 -22.78 -7.35
CA THR H 58 10.61 -23.60 -6.52
C THR H 58 10.08 -22.83 -5.29
N ILE H 59 8.76 -22.82 -5.13
CA ILE H 59 8.07 -22.42 -3.87
C ILE H 59 7.77 -23.70 -3.08
N THR H 60 8.45 -23.85 -1.94
CA THR H 60 8.26 -24.94 -0.95
C THR H 60 7.51 -24.41 0.28
N SER H 61 7.22 -25.31 1.23
CA SER H 61 6.74 -24.99 2.60
C SER H 61 7.58 -23.84 3.20
N ARG H 62 8.86 -23.77 2.88
CA ARG H 62 9.75 -22.82 3.57
C ARG H 62 9.44 -21.38 3.13
N GLU H 63 9.14 -21.19 1.84
CA GLU H 63 8.77 -19.88 1.25
C GLU H 63 7.40 -19.49 1.79
N ILE H 64 6.47 -20.44 1.87
CA ILE H 64 5.13 -20.17 2.48
C ILE H 64 5.31 -19.73 3.93
N GLN H 65 6.25 -20.33 4.67
CA GLN H 65 6.38 -20.12 6.13
C GLN H 65 6.96 -18.71 6.34
N THR H 66 8.04 -18.38 5.64
CA THR H 66 8.63 -17.02 5.67
C THR H 66 7.59 -15.96 5.21
N ALA H 67 6.87 -16.23 4.13
CA ALA H 67 5.78 -15.35 3.66
C ALA H 67 4.80 -15.10 4.83
N VAL H 68 4.39 -16.14 5.55
CA VAL H 68 3.44 -16.04 6.69
C VAL H 68 4.07 -15.18 7.79
N ARG H 69 5.35 -15.35 8.07
CA ARG H 69 6.00 -14.57 9.15
C ARG H 69 6.00 -13.08 8.74
N LEU H 70 6.24 -12.77 7.47
CA LEU H 70 6.27 -11.38 6.96
C LEU H 70 4.86 -10.77 6.96
N LEU H 71 3.78 -11.55 6.80
CA LEU H 71 2.44 -11.02 6.43
C LEU H 71 1.48 -11.04 7.62
N LEU H 72 1.66 -11.94 8.58
CA LEU H 72 0.70 -12.09 9.71
C LEU H 72 1.29 -11.42 10.95
N PRO H 73 0.44 -10.67 11.67
CA PRO H 73 0.81 -10.11 12.96
C PRO H 73 1.07 -11.17 14.04
N GLY H 74 2.07 -10.90 14.89
CA GLY H 74 2.36 -11.60 16.15
C GLY H 74 1.74 -12.98 16.30
N GLU H 75 0.63 -13.08 17.02
CA GLU H 75 0.09 -14.38 17.49
C GLU H 75 -0.51 -15.15 16.30
N LEU H 76 -1.19 -14.47 15.39
CA LEU H 76 -1.69 -15.05 14.12
C LEU H 76 -0.54 -15.76 13.38
N ALA H 77 0.62 -15.12 13.26
CA ALA H 77 1.78 -15.75 12.59
C ALA H 77 2.17 -17.00 13.35
N LYS H 78 2.40 -16.87 14.66
CA LYS H 78 2.83 -17.99 15.51
C LYS H 78 1.86 -19.16 15.26
N HIS H 79 0.56 -18.97 15.47
CA HIS H 79 -0.42 -20.08 15.42
C HIS H 79 -0.47 -20.62 13.99
N ALA H 80 -0.40 -19.74 12.98
CA ALA H 80 -0.55 -20.09 11.56
C ALA H 80 0.61 -20.99 11.15
N VAL H 81 1.84 -20.60 11.52
CA VAL H 81 3.10 -21.37 11.32
C VAL H 81 2.94 -22.76 11.96
N SER H 82 2.31 -22.82 13.14
CA SER H 82 2.21 -24.12 13.86
C SER H 82 1.14 -24.96 13.17
N GLU H 83 -0.01 -24.39 12.79
CA GLU H 83 -1.00 -25.16 11.99
C GLU H 83 -0.37 -25.64 10.68
N GLY H 84 0.49 -24.83 10.07
CA GLY H 84 1.10 -25.19 8.78
C GLY H 84 2.14 -26.30 8.93
N THR H 85 3.03 -26.20 9.90
CA THR H 85 4.02 -27.27 10.16
C THR H 85 3.29 -28.58 10.51
N LYS H 86 2.21 -28.49 11.29
CA LYS H 86 1.45 -29.66 11.79
C LYS H 86 0.83 -30.41 10.61
N ALA H 87 0.28 -29.69 9.65
CA ALA H 87 -0.42 -30.26 8.48
C ALA H 87 0.61 -30.91 7.56
N VAL H 88 1.83 -30.41 7.55
CA VAL H 88 2.88 -30.96 6.64
C VAL H 88 3.46 -32.24 7.27
N THR H 89 3.74 -32.19 8.56
CA THR H 89 4.00 -33.35 9.46
C THR H 89 2.95 -34.45 9.17
N LYS H 90 1.67 -34.22 9.48
CA LYS H 90 0.59 -35.25 9.36
C LYS H 90 0.62 -35.86 7.97
N TYR H 91 0.92 -35.05 6.96
CA TYR H 91 0.81 -35.44 5.52
C TYR H 91 2.04 -36.24 5.09
N THR H 92 3.22 -35.94 5.63
CA THR H 92 4.49 -36.66 5.32
C THR H 92 4.39 -38.04 5.98
N SER H 93 3.76 -38.12 7.17
CA SER H 93 3.42 -39.37 7.92
C SER H 93 2.06 -39.90 7.48
N ALA H 94 1.91 -40.24 6.20
CA ALA H 94 0.66 -40.81 5.62
C ALA H 94 1.02 -41.69 4.44
N LYS H 95 1.06 -43.01 4.66
CA LYS H 95 1.40 -44.04 3.64
C LYS H 95 0.30 -44.09 2.58
N PRO K 1 -7.20 -32.26 18.07
CA PRO K 1 -6.07 -32.47 17.15
C PRO K 1 -6.23 -31.85 15.75
N GLY K 2 -7.21 -30.95 15.58
CA GLY K 2 -7.58 -30.28 14.31
C GLY K 2 -6.95 -28.90 14.17
N ARG K 4 -6.31 -25.26 16.27
CA ARG K 4 -6.33 -24.55 17.55
C ARG K 4 -6.25 -23.04 17.32
N LEU K 5 -7.30 -22.35 17.79
CA LEU K 5 -7.48 -20.88 17.75
C LEU K 5 -6.70 -20.23 18.92
N ARG K 6 -6.67 -18.89 18.96
CA ARG K 6 -5.96 -18.09 20.00
C ARG K 6 -6.76 -18.11 21.31
N SER K 7 -8.10 -18.17 21.24
CA SER K 7 -9.04 -18.16 22.39
C SER K 7 -8.86 -19.41 23.25
N GLY K 8 -8.32 -20.49 22.68
CA GLY K 8 -8.00 -21.75 23.37
C GLY K 8 -9.06 -22.82 23.15
N ARG K 9 -9.94 -22.63 22.15
CA ARG K 9 -10.90 -23.66 21.66
C ARG K 9 -10.26 -24.42 20.48
N SER K 10 -10.68 -25.66 20.25
CA SER K 10 -10.19 -26.54 19.16
C SER K 10 -11.24 -26.64 18.05
N THR K 11 -11.11 -27.66 17.21
CA THR K 11 -12.11 -28.08 16.20
C THR K 11 -12.49 -29.56 16.48
N GLY K 12 -13.24 -29.80 17.57
CA GLY K 12 -13.80 -31.13 17.94
C GLY K 12 -12.75 -32.14 18.36
N ALA K 13 -12.62 -33.24 17.60
CA ALA K 13 -11.60 -34.32 17.79
C ALA K 13 -11.30 -34.97 16.42
N PRO K 14 -11.54 -36.28 16.15
CA PRO K 14 -11.29 -36.81 14.79
C PRO K 14 -12.42 -36.45 13.82
#